data_7U6A
#
_entry.id   7U6A
#
_cell.length_a   80.748
_cell.length_b   80.748
_cell.length_c   248.919
_cell.angle_alpha   90.000
_cell.angle_beta   90.000
_cell.angle_gamma   120.000
#
_symmetry.space_group_name_H-M   'P 31 2 1'
#
loop_
_entity.id
_entity.type
_entity.pdbx_description
1 polymer 'Polyamine deacetylase HDAC10'
2 non-polymer N-hydroxy-4-({[(thiophen-3-yl)methyl]amino}methyl)benzamide
3 non-polymer 1,2-ETHANEDIOL
4 non-polymer 'POTASSIUM ION'
5 non-polymer 'ZINC ION'
6 non-polymer 'PHOSPHATE ION'
7 water water
#
_entity_poly.entity_id   1
_entity_poly.type   'polypeptide(L)'
_entity_poly.pdbx_seq_one_letter_code
;AASGSALIFDEEMSRYKLLWTDPECEIEVPERLTVSYEALRTHGLAQRCKAVPVRQATEQEILLAHSEEYLEAVKQTPGM
NVEELMAFSKKYNAVYFHQNIYHCAKLAAGATLQLVDSVMKREVRNGMALVRPPGHHSQRSAANGFCVFNNVAFAALYAK
KNYNLNRILIVDWDVHHGQGIQYCFEEDPSVLYFSWHRYEHQSFWPNLPESDYSSVGKGKGSGFNINLPWNKVGMTNSDY
LAAFFHVLLPVAYEFDPELVIVSAGFDSAIGDPEGEMCALPEIFAHLTHLLMPLAAGKMCVVLEGGYNLTSLGQSVCQTV
HSLLGDPTPRISGLGTACDSALESIQNVRNVQSSYWSSFKHLAQSETNPKRPRLDATNGGPKESSEPASESNPKKTAQDI
VWPEPLKRMPASVRTVVVPPPGVELTLPKNCQHSGDISESTAKEVQRIRDKHFHDLTDQNILRSLGNIISVLDRMMRSDE
VCNGCVVVSDLSVSVQCALQHALTEPAERVLVVYVGDGELPVKTNDGKVFLVQICTKETEDKCVNRLTLCLREGESLTAG
FMQALLGLILPVAYEFNPALVLGIVEETAAKTRLMRVWGHMTCLIQGLARGRMLTLLQGYDKDLLELTVSALSGASISPL
GPLRAPKPEDVEMMEKQRQRLQERWGLLRCTVSESW
;
_entity_poly.pdbx_strand_id   A
#
loop_
_chem_comp.id
_chem_comp.type
_chem_comp.name
_chem_comp.formula
EDO non-polymer 1,2-ETHANEDIOL 'C2 H6 O2'
K non-polymer 'POTASSIUM ION' 'K 1'
LSL non-polymer N-hydroxy-4-({[(thiophen-3-yl)methyl]amino}methyl)benzamide 'C13 H14 N2 O2 S'
PO4 non-polymer 'PHOSPHATE ION' 'O4 P -3'
ZN non-polymer 'ZINC ION' 'Zn 2'
#
# COMPACT_ATOMS: atom_id res chain seq x y z
N ALA A 1 13.92 -15.05 -9.19
CA ALA A 1 12.96 -14.35 -8.34
C ALA A 1 11.54 -14.71 -8.73
N ALA A 2 10.62 -14.59 -7.78
CA ALA A 2 9.25 -15.09 -7.96
C ALA A 2 8.43 -14.18 -8.86
N SER A 3 7.36 -14.73 -9.41
CA SER A 3 6.46 -13.98 -10.27
C SER A 3 5.07 -14.60 -10.17
N GLY A 4 4.08 -13.85 -10.64
CA GLY A 4 2.69 -14.27 -10.57
C GLY A 4 2.04 -13.95 -9.23
N SER A 5 0.71 -14.06 -9.22
CA SER A 5 -0.11 -13.84 -8.03
C SER A 5 -1.06 -15.01 -7.86
N ALA A 6 -1.09 -15.59 -6.66
CA ALA A 6 -2.01 -16.69 -6.40
C ALA A 6 -3.41 -16.14 -6.16
N LEU A 7 -4.41 -16.90 -6.62
CA LEU A 7 -5.80 -16.65 -6.27
C LEU A 7 -6.40 -17.97 -5.81
N ILE A 8 -6.81 -18.02 -4.54
CA ILE A 8 -7.24 -19.25 -3.91
C ILE A 8 -8.71 -19.10 -3.58
N PHE A 9 -9.52 -20.01 -4.08
CA PHE A 9 -10.96 -19.87 -3.95
C PHE A 9 -11.60 -21.22 -4.19
N ASP A 10 -12.70 -21.46 -3.49
CA ASP A 10 -13.47 -22.66 -3.76
C ASP A 10 -14.93 -22.36 -3.46
N GLU A 11 -15.79 -22.73 -4.40
CA GLU A 11 -17.20 -22.46 -4.21
C GLU A 11 -17.80 -23.29 -3.08
N GLU A 12 -17.10 -24.31 -2.59
CA GLU A 12 -17.58 -25.02 -1.41
C GLU A 12 -17.80 -24.06 -0.23
N MET A 13 -16.91 -23.07 -0.07
CA MET A 13 -17.04 -22.14 1.05
C MET A 13 -18.28 -21.28 0.97
N SER A 14 -19.03 -21.34 -0.13
CA SER A 14 -20.30 -20.63 -0.22
C SER A 14 -21.47 -21.50 0.19
N ARG A 15 -21.21 -22.72 0.67
CA ARG A 15 -22.25 -23.72 0.92
C ARG A 15 -22.57 -23.87 2.41
N TYR A 16 -22.67 -22.73 3.10
CA TYR A 16 -23.25 -22.66 4.44
C TYR A 16 -23.87 -21.27 4.53
N LYS A 17 -24.87 -21.14 5.37
CA LYS A 17 -25.63 -19.89 5.48
C LYS A 17 -26.44 -19.94 6.75
N LEU A 18 -27.14 -18.84 7.02
CA LEU A 18 -28.00 -18.70 8.20
C LEU A 18 -29.33 -19.41 7.98
N LEU A 19 -29.74 -20.25 8.94
CA LEU A 19 -30.94 -21.07 8.79
C LEU A 19 -32.13 -20.57 9.63
N TRP A 20 -31.99 -19.44 10.30
CA TRP A 20 -33.10 -18.90 11.08
C TRP A 20 -33.08 -17.38 10.96
N THR A 21 -34.17 -16.76 11.34
CA THR A 21 -34.27 -15.30 11.21
C THR A 21 -33.52 -14.64 12.36
N ASP A 22 -32.71 -13.64 12.00
CA ASP A 22 -31.84 -12.90 12.89
C ASP A 22 -31.28 -11.75 12.06
N PRO A 23 -31.91 -10.57 12.09
CA PRO A 23 -31.47 -9.48 11.21
C PRO A 23 -30.07 -9.00 11.53
N GLU A 24 -29.55 -9.34 12.70
CA GLU A 24 -28.18 -8.96 13.05
C GLU A 24 -27.15 -9.80 12.30
N CYS A 25 -27.46 -11.07 12.00
CA CYS A 25 -26.56 -11.93 11.24
C CYS A 25 -26.90 -12.01 9.76
N GLU A 26 -27.98 -11.36 9.33
CA GLU A 26 -28.47 -11.49 7.96
C GLU A 26 -27.44 -11.13 6.91
N ILE A 27 -26.41 -10.37 7.25
CA ILE A 27 -25.56 -9.75 6.24
C ILE A 27 -24.40 -10.60 5.78
N GLU A 28 -24.04 -11.65 6.53
CA GLU A 28 -22.93 -12.49 6.13
C GLU A 28 -23.51 -13.62 5.27
N VAL A 29 -23.43 -13.48 3.96
CA VAL A 29 -24.16 -14.37 3.04
C VAL A 29 -23.15 -15.03 2.10
N PRO A 30 -23.52 -16.18 1.52
CA PRO A 30 -22.63 -16.86 0.54
C PRO A 30 -22.33 -16.04 -0.70
N GLU A 31 -23.22 -15.13 -1.09
CA GLU A 31 -23.03 -14.40 -2.33
C GLU A 31 -21.85 -13.44 -2.26
N ARG A 32 -21.38 -13.10 -1.06
CA ARG A 32 -20.15 -12.30 -0.95
C ARG A 32 -19.01 -12.97 -1.70
N LEU A 33 -18.92 -14.29 -1.58
CA LEU A 33 -17.84 -15.03 -2.26
C LEU A 33 -18.12 -15.17 -3.75
N THR A 34 -19.35 -15.49 -4.13
CA THR A 34 -19.65 -15.66 -5.54
C THR A 34 -19.51 -14.33 -6.29
N VAL A 35 -20.08 -13.26 -5.74
CA VAL A 35 -19.99 -11.95 -6.38
C VAL A 35 -18.53 -11.51 -6.51
N SER A 36 -17.71 -11.81 -5.51
CA SER A 36 -16.33 -11.34 -5.56
C SER A 36 -15.52 -12.11 -6.60
N TYR A 37 -15.72 -13.42 -6.67
CA TYR A 37 -15.00 -14.19 -7.67
C TYR A 37 -15.54 -13.89 -9.07
N GLU A 38 -16.86 -13.82 -9.21
CA GLU A 38 -17.44 -13.48 -10.52
C GLU A 38 -16.97 -12.11 -11.01
N ALA A 39 -16.78 -11.14 -10.10
CA ALA A 39 -16.26 -9.84 -10.50
C ALA A 39 -14.81 -9.93 -10.94
N LEU A 40 -14.01 -10.79 -10.29
CA LEU A 40 -12.65 -10.99 -10.76
C LEU A 40 -12.61 -11.66 -12.14
N ARG A 41 -13.56 -12.55 -12.44
CA ARG A 41 -13.59 -13.19 -13.75
C ARG A 41 -14.00 -12.19 -14.81
N THR A 42 -15.09 -11.46 -14.56
CA THR A 42 -15.58 -10.42 -15.46
C THR A 42 -14.47 -9.49 -15.94
N HIS A 43 -13.52 -9.15 -15.07
CA HIS A 43 -12.47 -8.20 -15.40
C HIS A 43 -11.18 -8.88 -15.87
N GLY A 44 -11.24 -10.18 -16.13
CA GLY A 44 -10.06 -10.90 -16.60
C GLY A 44 -8.96 -11.07 -15.58
N LEU A 45 -9.23 -10.83 -14.28
CA LEU A 45 -8.18 -10.90 -13.28
C LEU A 45 -7.98 -12.29 -12.74
N ALA A 46 -9.06 -13.04 -12.53
CA ALA A 46 -8.93 -14.42 -12.08
C ALA A 46 -8.10 -15.23 -13.08
N GLN A 47 -8.35 -15.04 -14.39
CA GLN A 47 -7.63 -15.74 -15.44
C GLN A 47 -6.13 -15.42 -15.43
N ARG A 48 -5.73 -14.25 -14.92
CA ARG A 48 -4.31 -13.91 -14.89
C ARG A 48 -3.60 -14.39 -13.63
N CYS A 49 -4.32 -14.90 -12.63
CA CYS A 49 -3.72 -15.45 -11.42
C CYS A 49 -3.58 -16.96 -11.48
N LYS A 50 -2.52 -17.45 -10.84
CA LYS A 50 -2.35 -18.88 -10.63
C LYS A 50 -3.38 -19.38 -9.63
N ALA A 51 -4.32 -20.21 -10.09
CA ALA A 51 -5.25 -20.84 -9.17
C ALA A 51 -4.49 -21.89 -8.36
N VAL A 52 -4.59 -21.78 -7.05
CA VAL A 52 -3.95 -22.70 -6.12
C VAL A 52 -5.07 -23.36 -5.35
N PRO A 53 -5.08 -24.68 -5.23
CA PRO A 53 -6.27 -25.36 -4.66
C PRO A 53 -6.39 -25.13 -3.17
N VAL A 54 -7.63 -25.08 -2.74
CA VAL A 54 -8.01 -25.10 -1.33
C VAL A 54 -7.60 -26.43 -0.69
N ARG A 55 -7.36 -26.41 0.62
CA ARG A 55 -7.24 -27.64 1.39
C ARG A 55 -7.84 -27.43 2.78
N GLN A 56 -7.91 -28.51 3.55
CA GLN A 56 -8.34 -28.45 4.95
C GLN A 56 -7.13 -28.16 5.82
N ALA A 57 -7.27 -27.21 6.73
CA ALA A 57 -6.33 -27.15 7.85
C ALA A 57 -6.45 -28.42 8.68
N THR A 58 -5.31 -28.97 9.08
CA THR A 58 -5.30 -30.15 9.92
C THR A 58 -5.60 -29.79 11.38
N GLU A 59 -5.85 -30.82 12.18
CA GLU A 59 -6.14 -30.61 13.59
C GLU A 59 -4.95 -29.96 14.29
N GLN A 60 -3.74 -30.44 14.00
CA GLN A 60 -2.54 -29.85 14.57
C GLN A 60 -2.41 -28.37 14.20
N GLU A 61 -2.83 -28.00 12.98
CA GLU A 61 -2.72 -26.60 12.57
C GLU A 61 -3.77 -25.74 13.26
N ILE A 62 -4.99 -26.25 13.42
CA ILE A 62 -6.01 -25.51 14.16
C ILE A 62 -5.56 -25.25 15.58
N LEU A 63 -4.82 -26.20 16.18
CA LEU A 63 -4.41 -26.11 17.56
C LEU A 63 -3.27 -25.12 17.76
N LEU A 64 -2.73 -24.56 16.68
CA LEU A 64 -1.74 -23.49 16.83
C LEU A 64 -2.37 -22.25 17.45
N ALA A 65 -3.68 -22.08 17.26
CA ALA A 65 -4.37 -20.86 17.64
C ALA A 65 -5.61 -21.10 18.48
N HIS A 66 -6.09 -22.33 18.60
CA HIS A 66 -7.34 -22.60 19.30
C HIS A 66 -7.15 -23.77 20.27
N SER A 67 -8.03 -23.82 21.26
CA SER A 67 -7.93 -24.84 22.29
C SER A 67 -8.62 -26.13 21.86
N GLU A 68 -8.11 -27.26 22.40
CA GLU A 68 -8.74 -28.54 22.14
C GLU A 68 -10.20 -28.51 22.49
N GLU A 69 -10.55 -27.85 23.60
CA GLU A 69 -11.95 -27.84 24.03
C GLU A 69 -12.83 -27.14 23.01
N TYR A 70 -12.33 -26.05 22.42
CA TYR A 70 -13.11 -25.32 21.43
C TYR A 70 -13.20 -26.10 20.12
N LEU A 71 -12.08 -26.63 19.65
CA LEU A 71 -12.08 -27.44 18.45
C LEU A 71 -13.03 -28.62 18.60
N GLU A 72 -12.96 -29.36 19.72
CA GLU A 72 -13.85 -30.48 19.94
C GLU A 72 -15.32 -30.06 19.89
N ALA A 73 -15.64 -28.90 20.47
CA ALA A 73 -17.03 -28.45 20.44
C ALA A 73 -17.48 -28.10 19.03
N VAL A 74 -16.62 -27.45 18.25
CA VAL A 74 -17.02 -27.06 16.90
C VAL A 74 -17.12 -28.30 16.02
N LYS A 75 -16.22 -29.26 16.25
CA LYS A 75 -16.24 -30.53 15.55
C LYS A 75 -17.57 -31.23 15.66
N GLN A 76 -18.41 -30.88 16.62
CA GLN A 76 -19.69 -31.56 16.77
C GLN A 76 -20.82 -30.90 16.00
N THR A 77 -20.62 -29.68 15.50
CA THR A 77 -21.72 -29.03 14.80
C THR A 77 -22.18 -29.73 13.52
N PRO A 78 -21.35 -30.47 12.75
CA PRO A 78 -21.91 -31.15 11.57
C PRO A 78 -23.06 -32.08 11.91
N GLY A 79 -23.07 -32.68 13.10
CA GLY A 79 -24.10 -33.59 13.53
C GLY A 79 -25.34 -32.96 14.15
N MET A 80 -25.38 -31.63 14.27
CA MET A 80 -26.49 -30.95 14.93
C MET A 80 -27.61 -30.61 13.94
N ASN A 81 -28.85 -30.74 14.39
CA ASN A 81 -29.98 -30.20 13.66
C ASN A 81 -30.05 -28.69 13.89
N VAL A 82 -31.11 -28.05 13.39
CA VAL A 82 -31.18 -26.59 13.42
C VAL A 82 -31.33 -26.07 14.85
N GLU A 83 -32.25 -26.67 15.64
CA GLU A 83 -32.42 -26.29 17.03
C GLU A 83 -31.10 -26.34 17.79
N GLU A 84 -30.35 -27.42 17.64
CA GLU A 84 -29.09 -27.55 18.34
C GLU A 84 -28.05 -26.58 17.81
N LEU A 85 -28.14 -26.25 16.52
CA LEU A 85 -27.22 -25.28 15.94
C LEU A 85 -27.54 -23.88 16.45
N MET A 86 -28.82 -23.55 16.61
CA MET A 86 -29.21 -22.29 17.21
C MET A 86 -28.76 -22.18 18.66
N ALA A 87 -29.00 -23.23 19.46
CA ALA A 87 -28.55 -23.20 20.86
C ALA A 87 -27.03 -23.09 20.95
N PHE A 88 -26.31 -23.76 20.06
CA PHE A 88 -24.86 -23.67 20.08
C PHE A 88 -24.37 -22.29 19.68
N SER A 89 -25.01 -21.68 18.67
CA SER A 89 -24.60 -20.34 18.24
C SER A 89 -24.77 -19.32 19.36
N LYS A 90 -25.84 -19.45 20.16
CA LYS A 90 -26.16 -18.41 21.14
C LYS A 90 -25.18 -18.38 22.31
N LYS A 91 -24.30 -19.38 22.44
CA LYS A 91 -23.21 -19.31 23.42
C LYS A 91 -22.14 -18.29 23.05
N TYR A 92 -22.24 -17.69 21.86
CA TYR A 92 -21.24 -16.78 21.37
C TYR A 92 -21.94 -15.51 20.90
N ASN A 93 -21.15 -14.50 20.62
CA ASN A 93 -21.69 -13.21 20.23
C ASN A 93 -21.62 -13.05 18.72
N ALA A 94 -22.77 -12.73 18.11
CA ALA A 94 -22.91 -12.39 16.69
C ALA A 94 -22.28 -13.44 15.76
N VAL A 95 -22.68 -14.70 15.92
CA VAL A 95 -22.17 -15.75 15.06
C VAL A 95 -23.25 -16.82 14.90
N TYR A 96 -23.34 -17.38 13.69
CA TYR A 96 -24.27 -18.47 13.45
C TYR A 96 -23.50 -19.69 12.94
N PHE A 97 -24.10 -20.87 13.16
CA PHE A 97 -23.51 -22.13 12.76
C PHE A 97 -24.44 -22.86 11.80
N HIS A 98 -23.86 -23.75 11.00
CA HIS A 98 -24.54 -24.47 9.93
C HIS A 98 -23.86 -25.84 9.83
N GLN A 99 -24.59 -26.86 9.34
CA GLN A 99 -24.02 -28.21 9.30
CA GLN A 99 -24.02 -28.21 9.30
C GLN A 99 -22.68 -28.23 8.57
N ASN A 100 -22.48 -27.32 7.63
CA ASN A 100 -21.29 -27.31 6.80
C ASN A 100 -20.26 -26.24 7.17
N ILE A 101 -20.49 -25.48 8.26
CA ILE A 101 -19.56 -24.38 8.57
C ILE A 101 -18.25 -24.91 9.12
N TYR A 102 -18.28 -26.01 9.86
CA TYR A 102 -17.02 -26.57 10.34
C TYR A 102 -16.14 -26.95 9.15
N HIS A 103 -16.71 -27.72 8.21
CA HIS A 103 -16.03 -28.03 6.95
C HIS A 103 -15.47 -26.77 6.30
N CYS A 104 -16.32 -25.75 6.12
CA CYS A 104 -15.88 -24.52 5.42
C CYS A 104 -14.81 -23.76 6.20
N ALA A 105 -14.95 -23.72 7.54
CA ALA A 105 -13.94 -23.08 8.37
C ALA A 105 -12.58 -23.74 8.19
N LYS A 106 -12.56 -25.09 8.09
CA LYS A 106 -11.28 -25.77 7.83
C LYS A 106 -10.73 -25.42 6.45
N LEU A 107 -11.62 -25.22 5.47
CA LEU A 107 -11.18 -24.81 4.13
C LEU A 107 -10.65 -23.37 4.12
N ALA A 108 -11.34 -22.45 4.81
CA ALA A 108 -10.88 -21.06 4.85
C ALA A 108 -9.49 -20.98 5.46
N ALA A 109 -9.22 -21.78 6.51
CA ALA A 109 -7.90 -21.77 7.14
C ALA A 109 -6.86 -22.45 6.26
N GLY A 110 -7.18 -23.63 5.71
CA GLY A 110 -6.25 -24.28 4.80
C GLY A 110 -5.97 -23.43 3.58
N ALA A 111 -7.02 -22.83 3.00
CA ALA A 111 -6.81 -21.88 1.91
C ALA A 111 -5.77 -20.83 2.30
N THR A 112 -5.88 -20.29 3.51
CA THR A 112 -4.92 -19.27 3.93
C THR A 112 -3.52 -19.85 4.04
N LEU A 113 -3.41 -21.06 4.60
CA LEU A 113 -2.08 -21.69 4.68
C LEU A 113 -1.55 -22.04 3.28
N GLN A 114 -2.43 -22.45 2.35
CA GLN A 114 -1.99 -22.63 0.97
C GLN A 114 -1.35 -21.36 0.43
N LEU A 115 -1.98 -20.21 0.69
CA LEU A 115 -1.43 -18.94 0.20
C LEU A 115 -0.07 -18.66 0.84
N VAL A 116 0.05 -18.88 2.15
CA VAL A 116 1.35 -18.66 2.80
C VAL A 116 2.42 -19.52 2.17
N ASP A 117 2.13 -20.82 1.96
CA ASP A 117 3.15 -21.71 1.40
C ASP A 117 3.58 -21.26 -0.01
N SER A 118 2.61 -20.91 -0.87
CA SER A 118 2.96 -20.50 -2.23
C SER A 118 3.87 -19.28 -2.23
N VAL A 119 3.58 -18.30 -1.37
CA VAL A 119 4.41 -17.09 -1.31
C VAL A 119 5.78 -17.40 -0.68
N MET A 120 5.79 -18.10 0.47
CA MET A 120 7.07 -18.32 1.13
C MET A 120 7.96 -19.30 0.37
N LYS A 121 7.40 -20.18 -0.46
CA LYS A 121 8.17 -21.06 -1.33
C LYS A 121 8.59 -20.40 -2.63
N ARG A 122 8.19 -19.15 -2.86
CA ARG A 122 8.55 -18.35 -4.04
C ARG A 122 7.92 -18.92 -5.31
N GLU A 123 6.78 -19.60 -5.18
CA GLU A 123 6.04 -20.06 -6.35
C GLU A 123 5.23 -18.93 -6.97
N VAL A 124 4.84 -17.95 -6.15
CA VAL A 124 4.23 -16.72 -6.60
C VAL A 124 4.88 -15.57 -5.83
N ARG A 125 4.72 -14.36 -6.37
CA ARG A 125 5.19 -13.19 -5.65
C ARG A 125 4.28 -12.87 -4.46
N ASN A 126 2.98 -13.01 -4.63
CA ASN A 126 2.01 -12.57 -3.64
C ASN A 126 0.72 -13.29 -3.95
N GLY A 127 -0.36 -12.94 -3.25
CA GLY A 127 -1.63 -13.58 -3.59
C GLY A 127 -2.76 -13.14 -2.68
N MET A 128 -3.94 -13.67 -2.99
CA MET A 128 -5.19 -13.39 -2.28
C MET A 128 -5.98 -14.68 -2.09
N ALA A 129 -6.53 -14.87 -0.89
CA ALA A 129 -7.48 -15.96 -0.61
C ALA A 129 -8.85 -15.36 -0.37
N LEU A 130 -9.82 -15.79 -1.18
CA LEU A 130 -11.23 -15.43 -1.01
C LEU A 130 -11.86 -16.58 -0.25
N VAL A 131 -12.11 -16.35 1.03
CA VAL A 131 -12.51 -17.38 1.98
C VAL A 131 -13.74 -16.91 2.72
N ARG A 132 -14.49 -17.88 3.23
CA ARG A 132 -15.59 -17.68 4.12
C ARG A 132 -15.62 -18.94 4.97
N PRO A 133 -15.87 -18.85 6.29
CA PRO A 133 -16.15 -17.68 7.15
C PRO A 133 -14.89 -16.84 7.36
N PRO A 134 -15.08 -15.54 7.69
CA PRO A 134 -13.93 -14.70 8.03
C PRO A 134 -13.24 -15.15 9.30
N GLY A 135 -12.14 -14.50 9.68
CA GLY A 135 -11.33 -14.99 10.77
C GLY A 135 -11.06 -14.06 11.95
N HIS A 136 -11.00 -12.73 11.74
CA HIS A 136 -10.20 -11.92 12.67
C HIS A 136 -10.86 -11.69 14.03
N HIS A 137 -12.16 -11.92 14.17
CA HIS A 137 -12.81 -11.87 15.48
C HIS A 137 -12.66 -13.16 16.28
N SER A 138 -12.21 -14.24 15.64
CA SER A 138 -12.06 -15.55 16.28
C SER A 138 -10.98 -15.53 17.35
N GLN A 139 -11.22 -16.27 18.42
CA GLN A 139 -10.36 -16.30 19.59
C GLN A 139 -10.07 -17.72 20.00
N ARG A 140 -9.03 -17.88 20.82
N ARG A 140 -9.02 -17.89 20.83
CA ARG A 140 -8.50 -19.18 21.24
CA ARG A 140 -8.50 -19.19 21.27
C ARG A 140 -9.60 -20.18 21.57
C ARG A 140 -9.62 -20.19 21.55
N SER A 141 -10.66 -19.74 22.25
CA SER A 141 -11.70 -20.62 22.73
C SER A 141 -13.08 -20.08 22.41
N ALA A 142 -13.21 -19.27 21.36
CA ALA A 142 -14.54 -18.75 21.05
C ALA A 142 -14.67 -18.37 19.58
N ALA A 143 -15.85 -18.66 19.01
CA ALA A 143 -16.30 -18.01 17.79
C ALA A 143 -16.89 -16.64 18.13
N ASN A 144 -16.82 -15.73 17.16
CA ASN A 144 -17.19 -14.34 17.40
C ASN A 144 -17.34 -13.63 16.06
N GLY A 145 -18.40 -12.83 15.92
CA GLY A 145 -18.55 -11.99 14.76
C GLY A 145 -18.36 -12.70 13.43
N PHE A 146 -19.17 -13.74 13.19
CA PHE A 146 -19.15 -14.58 11.98
C PHE A 146 -17.86 -15.35 11.78
N CYS A 147 -16.91 -15.27 12.70
CA CYS A 147 -15.64 -15.96 12.59
C CYS A 147 -15.65 -17.23 13.43
N VAL A 148 -15.14 -18.33 12.87
CA VAL A 148 -15.02 -19.61 13.57
C VAL A 148 -13.58 -19.88 14.01
N PHE A 149 -12.62 -19.77 13.08
CA PHE A 149 -11.19 -19.94 13.35
C PHE A 149 -10.44 -18.74 12.78
N ASN A 150 -9.30 -18.42 13.40
CA ASN A 150 -8.65 -17.16 13.07
C ASN A 150 -7.69 -17.39 11.92
N ASN A 151 -8.21 -17.18 10.70
CA ASN A 151 -7.46 -17.47 9.47
C ASN A 151 -6.13 -16.73 9.45
N VAL A 152 -6.14 -15.44 9.74
CA VAL A 152 -4.90 -14.66 9.64
C VAL A 152 -3.94 -15.02 10.77
N ALA A 153 -4.46 -15.22 11.98
CA ALA A 153 -3.58 -15.62 13.07
C ALA A 153 -2.88 -16.93 12.74
N PHE A 154 -3.65 -17.91 12.23
CA PHE A 154 -3.07 -19.16 11.71
C PHE A 154 -1.88 -18.91 10.83
N ALA A 155 -2.08 -18.09 9.80
CA ALA A 155 -1.06 -17.82 8.82
C ALA A 155 0.23 -17.31 9.45
N ALA A 156 0.13 -16.37 10.40
CA ALA A 156 1.37 -15.87 11.03
C ALA A 156 2.01 -16.93 11.91
N LEU A 157 1.22 -17.66 12.70
CA LEU A 157 1.80 -18.72 13.53
C LEU A 157 2.42 -19.81 12.67
N TYR A 158 1.70 -20.25 11.62
CA TYR A 158 2.21 -21.25 10.68
C TYR A 158 3.48 -20.78 10.00
N ALA A 159 3.53 -19.51 9.59
CA ALA A 159 4.73 -18.99 8.95
C ALA A 159 5.89 -18.87 9.92
N LYS A 160 5.63 -18.52 11.18
CA LYS A 160 6.68 -18.55 12.19
C LYS A 160 7.23 -19.96 12.34
N LYS A 161 6.34 -20.95 12.45
CA LYS A 161 6.77 -22.30 12.77
C LYS A 161 7.56 -22.92 11.63
N ASN A 162 7.04 -22.81 10.40
CA ASN A 162 7.57 -23.57 9.28
C ASN A 162 8.58 -22.83 8.44
N TYR A 163 8.69 -21.52 8.61
CA TYR A 163 9.69 -20.79 7.87
C TYR A 163 10.63 -20.01 8.78
N ASN A 164 10.47 -20.14 10.09
CA ASN A 164 11.34 -19.51 11.09
C ASN A 164 11.44 -18.00 10.90
N LEU A 165 10.33 -17.39 10.49
CA LEU A 165 10.28 -15.94 10.33
C LEU A 165 10.35 -15.26 11.70
N ASN A 166 11.12 -14.18 11.78
CA ASN A 166 11.21 -13.42 13.00
C ASN A 166 10.31 -12.19 13.03
N ARG A 167 9.90 -11.66 11.88
CA ARG A 167 9.06 -10.46 11.86
C ARG A 167 7.97 -10.61 10.81
N ILE A 168 6.72 -10.55 11.27
CA ILE A 168 5.55 -10.62 10.40
C ILE A 168 4.68 -9.41 10.68
N LEU A 169 4.28 -8.70 9.63
CA LEU A 169 3.33 -7.59 9.75
C LEU A 169 1.94 -8.03 9.33
N ILE A 170 0.95 -7.82 10.21
CA ILE A 170 -0.46 -8.03 9.89
C ILE A 170 -1.13 -6.66 9.79
N VAL A 171 -1.69 -6.35 8.63
CA VAL A 171 -2.45 -5.12 8.38
C VAL A 171 -3.90 -5.50 8.28
N ASP A 172 -4.74 -4.99 9.20
CA ASP A 172 -6.18 -5.29 9.25
C ASP A 172 -6.94 -4.03 8.87
N TRP A 173 -7.29 -3.92 7.59
CA TRP A 173 -8.00 -2.74 7.11
C TRP A 173 -9.50 -2.99 7.02
N ASP A 174 -9.97 -4.12 7.57
CA ASP A 174 -11.40 -4.31 7.80
C ASP A 174 -11.92 -3.15 8.68
N VAL A 175 -13.23 -2.90 8.60
CA VAL A 175 -13.79 -1.79 9.37
C VAL A 175 -14.03 -2.13 10.84
N HIS A 176 -14.04 -3.42 11.20
CA HIS A 176 -14.17 -3.85 12.57
C HIS A 176 -12.80 -4.16 13.16
N HIS A 177 -12.69 -4.06 14.49
CA HIS A 177 -11.43 -4.36 15.17
C HIS A 177 -11.21 -5.86 15.21
N GLY A 178 -10.02 -6.31 14.83
CA GLY A 178 -9.74 -7.74 14.86
C GLY A 178 -9.16 -8.18 16.18
N GLN A 179 -9.99 -8.22 17.22
CA GLN A 179 -9.49 -8.42 18.58
C GLN A 179 -8.92 -9.82 18.76
N GLY A 180 -9.46 -10.81 18.02
CA GLY A 180 -8.85 -12.13 18.01
C GLY A 180 -7.38 -12.08 17.67
N ILE A 181 -7.02 -11.30 16.65
CA ILE A 181 -5.61 -11.19 16.28
C ILE A 181 -4.83 -10.45 17.35
N GLN A 182 -5.42 -9.39 17.93
CA GLN A 182 -4.71 -8.65 18.97
C GLN A 182 -4.44 -9.54 20.18
N TYR A 183 -5.44 -10.28 20.65
CA TYR A 183 -5.22 -11.16 21.80
C TYR A 183 -4.15 -12.19 21.48
N CYS A 184 -4.19 -12.75 20.28
CA CYS A 184 -3.28 -13.84 19.93
C CYS A 184 -1.83 -13.39 20.03
N PHE A 185 -1.54 -12.14 19.62
CA PHE A 185 -0.17 -11.68 19.52
C PHE A 185 0.18 -10.53 20.45
N GLU A 186 -0.67 -10.21 21.45
CA GLU A 186 -0.42 -9.00 22.23
C GLU A 186 0.89 -9.03 23.00
N GLU A 187 1.44 -10.22 23.28
CA GLU A 187 2.74 -10.30 23.95
C GLU A 187 3.89 -10.70 23.03
N ASP A 188 3.63 -10.88 21.73
CA ASP A 188 4.62 -11.38 20.79
C ASP A 188 5.26 -10.24 20.00
N PRO A 189 6.53 -9.92 20.23
CA PRO A 189 7.16 -8.84 19.46
C PRO A 189 7.56 -9.23 18.04
N SER A 190 7.33 -10.49 17.64
CA SER A 190 7.66 -10.91 16.29
C SER A 190 6.50 -10.71 15.30
N VAL A 191 5.28 -10.47 15.80
CA VAL A 191 4.15 -10.12 14.93
C VAL A 191 3.72 -8.69 15.26
N LEU A 192 3.76 -7.80 14.27
CA LEU A 192 3.28 -6.43 14.44
C LEU A 192 1.86 -6.36 13.90
N TYR A 193 0.89 -5.98 14.74
CA TYR A 193 -0.51 -5.89 14.32
C TYR A 193 -0.97 -4.43 14.27
N PHE A 194 -1.45 -4.01 13.11
CA PHE A 194 -2.07 -2.70 12.90
C PHE A 194 -3.53 -2.90 12.54
N SER A 195 -4.42 -2.16 13.21
CA SER A 195 -5.85 -2.21 12.88
C SER A 195 -6.42 -0.81 12.92
N TRP A 196 -7.17 -0.40 11.89
CA TRP A 196 -8.04 0.76 12.04
C TRP A 196 -9.46 0.24 12.15
N HIS A 197 -10.35 0.99 12.80
CA HIS A 197 -11.67 0.39 12.96
C HIS A 197 -12.67 1.42 13.42
N ARG A 198 -13.89 1.30 12.93
CA ARG A 198 -14.97 2.08 13.48
C ARG A 198 -15.09 1.77 14.96
N TYR A 199 -15.06 2.82 15.79
CA TYR A 199 -15.02 2.71 17.26
C TYR A 199 -16.11 3.56 17.91
N GLU A 200 -16.16 4.83 17.54
CA GLU A 200 -17.14 5.78 18.07
C GLU A 200 -17.12 5.82 19.61
N HIS A 201 -15.93 6.00 20.15
CA HIS A 201 -15.74 6.10 21.61
C HIS A 201 -16.29 4.87 22.32
N GLN A 202 -16.02 3.70 21.72
CA GLN A 202 -16.38 2.39 22.25
C GLN A 202 -17.86 2.07 22.13
N SER A 203 -18.66 2.93 21.47
CA SER A 203 -20.05 2.57 21.24
C SER A 203 -20.28 1.63 20.05
N PHE A 204 -19.28 1.37 19.21
CA PHE A 204 -19.48 0.48 18.08
C PHE A 204 -18.96 -0.91 18.38
N TRP A 205 -19.72 -1.92 17.94
CA TRP A 205 -19.36 -3.32 18.13
C TRP A 205 -17.91 -3.56 17.70
N PRO A 206 -17.12 -4.33 18.46
CA PRO A 206 -17.44 -5.12 19.65
C PRO A 206 -17.38 -4.38 21.03
N ASN A 207 -17.31 -3.05 21.06
CA ASN A 207 -17.46 -2.27 22.30
C ASN A 207 -16.37 -2.60 23.32
N LEU A 208 -15.11 -2.56 22.90
CA LEU A 208 -14.05 -3.05 23.77
C LEU A 208 -13.13 -1.91 24.17
N PRO A 209 -12.86 -1.75 25.47
CA PRO A 209 -11.88 -0.72 25.87
C PRO A 209 -10.52 -0.93 25.25
N GLU A 210 -10.11 -2.18 25.03
CA GLU A 210 -8.78 -2.46 24.51
C GLU A 210 -8.68 -2.36 22.98
N SER A 211 -9.75 -1.96 22.27
CA SER A 211 -9.62 -1.54 20.87
C SER A 211 -9.15 -0.09 20.73
N ASP A 212 -8.86 0.61 21.82
CA ASP A 212 -8.48 2.01 21.72
C ASP A 212 -6.98 2.11 21.40
N TYR A 213 -6.56 3.34 21.11
CA TYR A 213 -5.17 3.60 20.78
C TYR A 213 -4.22 3.29 21.92
N SER A 214 -4.70 3.27 23.18
CA SER A 214 -3.78 3.04 24.28
C SER A 214 -3.34 1.58 24.41
N SER A 215 -3.95 0.64 23.68
CA SER A 215 -3.49 -0.74 23.69
C SER A 215 -2.32 -0.85 22.74
N VAL A 216 -1.10 -0.94 23.27
CA VAL A 216 0.12 -0.98 22.48
C VAL A 216 0.77 -2.36 22.48
N GLY A 217 0.15 -3.35 23.10
CA GLY A 217 0.77 -4.62 23.39
C GLY A 217 1.13 -4.74 24.87
N LYS A 218 1.59 -5.94 25.25
CA LYS A 218 1.91 -6.24 26.65
C LYS A 218 3.28 -6.89 26.75
N GLY A 219 3.98 -6.58 27.84
CA GLY A 219 5.23 -7.24 28.14
C GLY A 219 6.23 -7.08 27.01
N LYS A 220 6.77 -8.21 26.55
CA LYS A 220 7.74 -8.15 25.46
C LYS A 220 7.13 -7.59 24.18
N GLY A 221 5.79 -7.58 24.08
CA GLY A 221 5.09 -7.11 22.90
C GLY A 221 4.69 -5.65 22.91
N SER A 222 5.11 -4.87 23.91
CA SER A 222 4.73 -3.47 23.97
C SER A 222 5.26 -2.71 22.76
N GLY A 223 4.35 -2.04 22.03
CA GLY A 223 4.71 -1.34 20.81
C GLY A 223 4.45 -2.09 19.52
N PHE A 224 4.10 -3.38 19.60
CA PHE A 224 3.82 -4.16 18.40
C PHE A 224 2.34 -4.45 18.21
N ASN A 225 1.48 -3.68 18.90
CA ASN A 225 0.06 -3.62 18.62
C ASN A 225 -0.29 -2.15 18.41
N ILE A 226 -0.91 -1.83 17.26
CA ILE A 226 -1.25 -0.45 16.91
C ILE A 226 -2.72 -0.41 16.51
N ASN A 227 -3.54 0.24 17.36
CA ASN A 227 -4.95 0.46 17.11
C ASN A 227 -5.19 1.92 16.74
N LEU A 228 -5.90 2.14 15.63
CA LEU A 228 -6.30 3.48 15.18
C LEU A 228 -7.82 3.51 15.16
N PRO A 229 -8.46 4.00 16.21
CA PRO A 229 -9.92 4.04 16.26
C PRO A 229 -10.49 5.20 15.44
N TRP A 230 -11.55 4.91 14.68
CA TRP A 230 -12.30 5.94 13.98
C TRP A 230 -13.46 6.33 14.87
N ASN A 231 -13.50 7.58 15.30
CA ASN A 231 -14.54 7.95 16.25
C ASN A 231 -15.73 8.63 15.62
N LYS A 232 -15.70 8.83 14.29
CA LYS A 232 -16.86 9.19 13.49
C LYS A 232 -16.88 8.31 12.25
N VAL A 233 -18.07 8.14 11.68
CA VAL A 233 -18.17 7.43 10.41
C VAL A 233 -17.94 8.42 9.27
N GLY A 234 -18.05 7.94 8.03
CA GLY A 234 -17.81 8.78 6.87
C GLY A 234 -16.36 9.10 6.60
N MET A 235 -15.41 8.34 7.11
CA MET A 235 -14.02 8.57 6.77
C MET A 235 -13.78 8.39 5.26
N THR A 236 -12.86 9.16 4.72
CA THR A 236 -12.66 9.30 3.29
C THR A 236 -11.27 8.80 2.90
N ASN A 237 -11.00 8.83 1.58
CA ASN A 237 -9.68 8.49 1.09
C ASN A 237 -8.60 9.27 1.83
N SER A 238 -8.87 10.55 2.14
CA SER A 238 -7.84 11.35 2.80
C SER A 238 -7.56 10.83 4.20
N ASP A 239 -8.58 10.38 4.93
CA ASP A 239 -8.37 9.81 6.26
C ASP A 239 -7.54 8.52 6.19
N TYR A 240 -7.89 7.63 5.25
CA TYR A 240 -7.17 6.36 5.12
C TYR A 240 -5.72 6.59 4.73
N LEU A 241 -5.48 7.48 3.76
CA LEU A 241 -4.11 7.74 3.35
C LEU A 241 -3.31 8.43 4.45
N ALA A 242 -3.94 9.37 5.18
CA ALA A 242 -3.25 9.99 6.31
C ALA A 242 -2.88 8.95 7.37
N ALA A 243 -3.77 7.98 7.60
CA ALA A 243 -3.43 6.86 8.50
C ALA A 243 -2.21 6.10 8.01
N PHE A 244 -2.12 5.86 6.69
CA PHE A 244 -0.99 5.11 6.16
C PHE A 244 0.30 5.95 6.22
N PHE A 245 0.26 7.20 5.74
CA PHE A 245 1.51 7.97 5.68
C PHE A 245 2.05 8.32 7.06
N HIS A 246 1.17 8.54 8.05
CA HIS A 246 1.63 9.07 9.33
C HIS A 246 1.59 8.07 10.48
N VAL A 247 1.02 6.87 10.28
CA VAL A 247 1.07 5.86 11.34
C VAL A 247 1.67 4.56 10.81
N LEU A 248 0.98 3.91 9.88
CA LEU A 248 1.28 2.53 9.53
C LEU A 248 2.61 2.43 8.78
N LEU A 249 2.75 3.17 7.67
CA LEU A 249 3.94 3.03 6.84
C LEU A 249 5.23 3.38 7.58
N PRO A 250 5.33 4.50 8.30
CA PRO A 250 6.57 4.76 9.05
C PRO A 250 6.95 3.61 9.96
N VAL A 251 5.98 2.97 10.61
CA VAL A 251 6.30 1.86 11.51
C VAL A 251 6.60 0.58 10.72
N ALA A 252 5.83 0.28 9.67
CA ALA A 252 6.07 -0.93 8.88
C ALA A 252 7.47 -0.94 8.29
N TYR A 253 7.92 0.18 7.72
CA TYR A 253 9.24 0.19 7.07
C TYR A 253 10.38 0.14 8.08
N GLU A 254 10.14 0.57 9.33
CA GLU A 254 11.16 0.43 10.36
C GLU A 254 11.21 -0.99 10.93
N PHE A 255 10.04 -1.57 11.20
CA PHE A 255 9.91 -2.96 11.60
C PHE A 255 10.56 -3.90 10.59
N ASP A 256 10.44 -3.58 9.30
CA ASP A 256 11.02 -4.37 8.24
C ASP A 256 10.56 -5.82 8.32
N PRO A 257 9.29 -6.09 8.06
CA PRO A 257 8.79 -7.46 8.19
C PRO A 257 9.37 -8.36 7.11
N GLU A 258 9.33 -9.66 7.39
CA GLU A 258 9.73 -10.69 6.43
C GLU A 258 8.54 -11.22 5.64
N LEU A 259 7.32 -10.92 6.09
CA LEU A 259 6.11 -11.32 5.41
C LEU A 259 5.02 -10.34 5.81
N VAL A 260 4.11 -10.06 4.89
CA VAL A 260 2.97 -9.18 5.14
C VAL A 260 1.69 -9.97 4.91
N ILE A 261 0.82 -9.98 5.91
CA ILE A 261 -0.50 -10.58 5.78
C ILE A 261 -1.51 -9.46 5.93
N VAL A 262 -2.49 -9.42 5.04
CA VAL A 262 -3.53 -8.41 5.09
C VAL A 262 -4.82 -9.10 5.47
N SER A 263 -5.42 -8.66 6.59
CA SER A 263 -6.81 -8.91 6.93
C SER A 263 -7.62 -7.90 6.15
N ALA A 264 -8.07 -8.32 4.97
CA ALA A 264 -8.63 -7.43 3.97
C ALA A 264 -10.14 -7.55 3.99
N GLY A 265 -10.75 -6.82 4.93
CA GLY A 265 -12.19 -6.64 4.92
C GLY A 265 -12.49 -5.35 4.19
N PHE A 266 -13.50 -5.40 3.33
CA PHE A 266 -13.86 -4.25 2.51
C PHE A 266 -15.13 -3.58 3.02
N ASP A 267 -15.57 -3.95 4.23
CA ASP A 267 -16.60 -3.15 4.87
C ASP A 267 -16.11 -1.77 5.25
N SER A 268 -14.84 -1.44 4.99
CA SER A 268 -14.34 -0.09 5.16
C SER A 268 -14.56 0.79 3.95
N ALA A 269 -15.18 0.26 2.89
CA ALA A 269 -15.42 0.94 1.62
C ALA A 269 -16.76 1.65 1.61
N ILE A 270 -16.84 2.68 0.76
CA ILE A 270 -18.10 3.39 0.58
C ILE A 270 -19.23 2.42 0.29
N GLY A 271 -20.41 2.71 0.84
CA GLY A 271 -21.60 1.92 0.61
C GLY A 271 -21.82 0.80 1.59
N ASP A 272 -20.86 0.47 2.41
CA ASP A 272 -21.06 -0.69 3.25
C ASP A 272 -21.96 -0.34 4.44
N PRO A 273 -22.99 -1.15 4.73
CA PRO A 273 -23.92 -0.79 5.81
C PRO A 273 -23.33 -0.98 7.20
N GLU A 274 -22.25 -1.73 7.35
CA GLU A 274 -21.67 -1.84 8.67
C GLU A 274 -20.66 -0.73 8.95
N GLY A 275 -19.85 -0.37 7.95
CA GLY A 275 -18.81 0.60 8.18
C GLY A 275 -19.27 2.04 8.09
N GLU A 276 -20.17 2.31 7.14
CA GLU A 276 -20.62 3.66 6.83
C GLU A 276 -19.46 4.61 6.55
N MET A 277 -18.36 4.07 6.05
CA MET A 277 -17.31 4.96 5.57
C MET A 277 -17.54 5.36 4.10
N CYS A 278 -16.67 6.27 3.63
CA CYS A 278 -16.82 6.92 2.32
C CYS A 278 -15.60 6.75 1.43
N ALA A 279 -14.69 5.84 1.76
CA ALA A 279 -13.52 5.63 0.91
C ALA A 279 -13.92 4.85 -0.34
N LEU A 280 -13.40 5.26 -1.48
CA LEU A 280 -13.74 4.66 -2.76
C LEU A 280 -13.01 3.33 -2.93
N PRO A 281 -13.58 2.43 -3.73
CA PRO A 281 -12.87 1.17 -4.02
C PRO A 281 -11.45 1.38 -4.49
N GLU A 282 -11.18 2.44 -5.25
CA GLU A 282 -9.84 2.72 -5.75
C GLU A 282 -8.81 2.87 -4.63
N ILE A 283 -9.23 3.19 -3.40
CA ILE A 283 -8.23 3.40 -2.35
C ILE A 283 -7.52 2.09 -2.03
N PHE A 284 -8.18 0.95 -2.22
CA PHE A 284 -7.54 -0.32 -1.91
C PHE A 284 -6.44 -0.68 -2.90
N ALA A 285 -6.49 -0.12 -4.12
CA ALA A 285 -5.36 -0.25 -5.02
C ALA A 285 -4.13 0.40 -4.43
N HIS A 286 -4.32 1.52 -3.71
CA HIS A 286 -3.19 2.24 -3.16
C HIS A 286 -2.74 1.67 -1.82
N LEU A 287 -3.68 1.28 -0.95
CA LEU A 287 -3.30 0.57 0.28
C LEU A 287 -2.47 -0.68 -0.04
N THR A 288 -2.87 -1.42 -1.08
CA THR A 288 -2.07 -2.55 -1.54
C THR A 288 -0.73 -2.09 -2.08
N HIS A 289 -0.74 -1.08 -2.95
CA HIS A 289 0.49 -0.63 -3.59
C HIS A 289 1.51 -0.13 -2.57
N LEU A 290 1.03 0.60 -1.54
CA LEU A 290 1.94 1.21 -0.58
C LEU A 290 2.65 0.17 0.29
N LEU A 291 2.05 -1.01 0.46
CA LEU A 291 2.67 -2.07 1.24
C LEU A 291 3.54 -3.03 0.40
N MET A 292 3.46 -2.96 -0.91
CA MET A 292 4.13 -3.97 -1.72
C MET A 292 5.66 -3.90 -1.69
N PRO A 293 6.31 -2.75 -1.53
CA PRO A 293 7.77 -2.76 -1.35
C PRO A 293 8.22 -3.41 -0.05
N LEU A 294 7.34 -3.83 0.85
CA LEU A 294 7.79 -4.49 2.07
C LEU A 294 8.00 -5.97 1.81
N ALA A 295 8.98 -6.55 2.52
CA ALA A 295 9.19 -8.00 2.54
C ALA A 295 9.43 -8.55 1.14
N ALA A 296 10.12 -7.77 0.30
CA ALA A 296 10.35 -8.10 -1.10
C ALA A 296 9.04 -8.43 -1.82
N GLY A 297 7.94 -7.80 -1.40
CA GLY A 297 6.68 -7.99 -2.08
C GLY A 297 5.89 -9.19 -1.62
N LYS A 298 6.36 -9.93 -0.62
CA LYS A 298 5.68 -11.16 -0.19
C LYS A 298 4.48 -10.79 0.67
N MET A 299 3.30 -10.84 0.07
CA MET A 299 2.10 -10.28 0.66
C MET A 299 0.94 -11.25 0.46
N CYS A 300 0.27 -11.59 1.56
CA CYS A 300 -0.84 -12.53 1.56
C CYS A 300 -2.10 -11.78 1.96
N VAL A 301 -2.98 -11.55 1.02
CA VAL A 301 -4.24 -10.87 1.26
C VAL A 301 -5.31 -11.90 1.52
N VAL A 302 -6.00 -11.79 2.66
CA VAL A 302 -7.03 -12.77 2.97
C VAL A 302 -8.31 -12.00 3.26
N LEU A 303 -9.41 -12.43 2.64
CA LEU A 303 -10.69 -11.75 2.78
C LEU A 303 -11.26 -11.90 4.19
N GLU A 304 -11.77 -10.80 4.73
CA GLU A 304 -12.56 -10.82 5.96
C GLU A 304 -13.97 -10.40 5.60
N GLY A 305 -14.38 -9.16 5.88
CA GLY A 305 -15.75 -8.72 5.68
C GLY A 305 -15.97 -7.93 4.40
N GLY A 306 -17.15 -7.32 4.31
CA GLY A 306 -17.56 -6.53 3.16
C GLY A 306 -18.92 -7.00 2.69
N TYR A 307 -19.95 -6.16 2.82
CA TYR A 307 -21.32 -6.62 2.68
C TYR A 307 -22.14 -5.88 1.65
N ASN A 308 -21.62 -4.82 1.06
CA ASN A 308 -22.24 -4.19 -0.09
C ASN A 308 -21.71 -4.91 -1.32
N LEU A 309 -22.57 -5.74 -1.92
CA LEU A 309 -22.10 -6.64 -2.96
C LEU A 309 -21.43 -5.87 -4.10
N THR A 310 -21.89 -4.64 -4.37
CA THR A 310 -21.28 -3.87 -5.43
C THR A 310 -19.90 -3.36 -5.04
N SER A 311 -19.80 -2.59 -3.96
CA SER A 311 -18.47 -2.12 -3.58
C SER A 311 -17.53 -3.27 -3.24
N LEU A 312 -18.08 -4.42 -2.82
CA LEU A 312 -17.22 -5.58 -2.54
C LEU A 312 -16.48 -5.99 -3.80
N GLY A 313 -17.22 -6.25 -4.89
CA GLY A 313 -16.57 -6.65 -6.15
C GLY A 313 -15.51 -5.68 -6.60
N GLN A 314 -15.81 -4.39 -6.53
CA GLN A 314 -14.89 -3.40 -7.07
C GLN A 314 -13.63 -3.30 -6.21
N SER A 315 -13.75 -3.45 -4.90
CA SER A 315 -12.55 -3.31 -4.08
C SER A 315 -11.68 -4.55 -4.15
N VAL A 316 -12.29 -5.74 -4.34
CA VAL A 316 -11.51 -6.95 -4.60
C VAL A 316 -10.71 -6.81 -5.88
N CYS A 317 -11.33 -6.27 -6.95
CA CYS A 317 -10.61 -6.10 -8.21
C CYS A 317 -9.48 -5.10 -8.09
N GLN A 318 -9.75 -3.94 -7.49
CA GLN A 318 -8.68 -2.97 -7.29
C GLN A 318 -7.51 -3.59 -6.56
N THR A 319 -7.78 -4.47 -5.59
CA THR A 319 -6.71 -5.10 -4.82
C THR A 319 -5.91 -6.05 -5.71
N VAL A 320 -6.59 -6.97 -6.40
CA VAL A 320 -5.89 -7.92 -7.28
C VAL A 320 -5.17 -7.20 -8.41
N HIS A 321 -5.81 -6.18 -9.02
CA HIS A 321 -5.12 -5.34 -10.01
C HIS A 321 -3.76 -4.93 -9.50
N SER A 322 -3.71 -4.47 -8.23
CA SER A 322 -2.46 -3.98 -7.66
C SER A 322 -1.50 -5.12 -7.39
N LEU A 323 -2.00 -6.28 -6.95
CA LEU A 323 -1.14 -7.44 -6.77
C LEU A 323 -0.53 -7.87 -8.09
N LEU A 324 -1.28 -7.79 -9.19
CA LEU A 324 -0.78 -8.13 -10.51
C LEU A 324 0.18 -7.08 -11.08
N GLY A 325 0.36 -5.95 -10.41
CA GLY A 325 1.24 -4.91 -10.92
C GLY A 325 0.62 -3.91 -11.87
N ASP A 326 -0.70 -3.94 -12.04
CA ASP A 326 -1.35 -3.02 -12.97
C ASP A 326 -1.22 -1.58 -12.46
N PRO A 327 -1.26 -0.59 -13.36
CA PRO A 327 -1.08 0.80 -12.93
C PRO A 327 -2.23 1.31 -12.06
N THR A 328 -1.87 2.00 -10.99
CA THR A 328 -2.87 2.41 -10.01
C THR A 328 -3.73 3.55 -10.55
N PRO A 329 -5.00 3.63 -10.14
CA PRO A 329 -5.83 4.75 -10.60
C PRO A 329 -5.43 6.04 -9.90
N ARG A 330 -5.69 7.16 -10.58
CA ARG A 330 -5.48 8.46 -9.95
C ARG A 330 -6.54 8.72 -8.89
N ILE A 331 -6.12 9.24 -7.75
CA ILE A 331 -7.01 9.59 -6.64
C ILE A 331 -7.10 11.11 -6.59
N SER A 332 -8.26 11.66 -6.90
CA SER A 332 -8.44 13.10 -6.91
C SER A 332 -9.13 13.58 -5.65
N GLY A 333 -9.03 14.89 -5.41
CA GLY A 333 -9.74 15.52 -4.29
C GLY A 333 -9.22 15.17 -2.92
N LEU A 334 -7.95 14.88 -2.79
CA LEU A 334 -7.38 14.56 -1.49
C LEU A 334 -7.08 15.85 -0.73
N GLY A 335 -7.20 15.79 0.58
CA GLY A 335 -6.95 16.95 1.41
C GLY A 335 -6.59 16.54 2.82
N THR A 336 -6.78 17.47 3.75
CA THR A 336 -6.60 17.16 5.16
C THR A 336 -7.51 16.01 5.56
N ALA A 337 -7.02 15.15 6.45
CA ALA A 337 -7.91 14.26 7.19
C ALA A 337 -8.85 15.10 8.05
N CYS A 338 -10.02 14.56 8.39
CA CYS A 338 -10.92 15.35 9.21
C CYS A 338 -10.40 15.42 10.66
N ASP A 339 -11.03 16.29 11.45
CA ASP A 339 -10.56 16.59 12.79
C ASP A 339 -10.57 15.35 13.68
N SER A 340 -11.66 14.57 13.64
CA SER A 340 -11.70 13.33 14.41
C SER A 340 -10.55 12.40 14.04
N ALA A 341 -10.25 12.26 12.74
CA ALA A 341 -9.18 11.35 12.33
C ALA A 341 -7.83 11.90 12.76
N LEU A 342 -7.65 13.22 12.64
CA LEU A 342 -6.38 13.80 13.07
C LEU A 342 -6.17 13.63 14.56
N GLU A 343 -7.25 13.65 15.35
CA GLU A 343 -7.13 13.38 16.77
C GLU A 343 -6.71 11.94 17.05
N SER A 344 -7.38 10.97 16.38
CA SER A 344 -6.98 9.57 16.54
C SER A 344 -5.54 9.36 16.12
N ILE A 345 -5.14 9.96 15.00
CA ILE A 345 -3.78 9.78 14.50
C ILE A 345 -2.77 10.39 15.48
N GLN A 346 -3.07 11.59 15.97
CA GLN A 346 -2.20 12.26 16.92
C GLN A 346 -2.12 11.48 18.21
N ASN A 347 -3.24 10.86 18.60
CA ASN A 347 -3.22 10.12 19.86
C ASN A 347 -2.41 8.85 19.72
N VAL A 348 -2.53 8.15 18.59
CA VAL A 348 -1.77 6.90 18.48
C VAL A 348 -0.30 7.19 18.28
N ARG A 349 0.04 8.25 17.53
CA ARG A 349 1.44 8.62 17.35
C ARG A 349 2.08 8.96 18.69
N ASN A 350 1.35 9.66 19.57
CA ASN A 350 1.90 10.05 20.86
C ASN A 350 2.12 8.82 21.75
N VAL A 351 1.10 7.96 21.86
CA VAL A 351 1.25 6.80 22.76
C VAL A 351 2.33 5.86 22.25
N GLN A 352 2.54 5.80 20.92
CA GLN A 352 3.55 4.92 20.34
C GLN A 352 4.93 5.54 20.28
N SER A 353 5.08 6.80 20.70
CA SER A 353 6.37 7.48 20.58
C SER A 353 7.44 6.85 21.45
N SER A 354 7.05 6.05 22.44
CA SER A 354 8.04 5.36 23.26
C SER A 354 8.75 4.22 22.51
N TYR A 355 8.15 3.71 21.43
CA TYR A 355 8.59 2.46 20.82
C TYR A 355 9.06 2.58 19.38
N TRP A 356 8.79 3.67 18.69
CA TRP A 356 9.12 3.73 17.28
C TRP A 356 9.90 5.00 16.98
N SER A 357 10.96 4.84 16.18
CA SER A 357 11.86 5.95 15.87
C SER A 357 11.17 7.09 15.13
N SER A 358 10.15 6.79 14.31
CA SER A 358 9.50 7.84 13.54
C SER A 358 8.65 8.76 14.41
N PHE A 359 8.27 8.30 15.60
CA PHE A 359 7.48 9.09 16.53
C PHE A 359 8.30 9.64 17.69
N LYS A 360 9.57 9.22 17.80
CA LYS A 360 10.39 9.51 18.97
C LYS A 360 10.46 11.01 19.28
N HIS A 361 10.55 11.84 18.24
CA HIS A 361 10.68 13.29 18.40
C HIS A 361 9.49 13.91 19.13
N LEU A 362 8.34 13.23 19.16
CA LEU A 362 7.17 13.74 19.86
C LEU A 362 7.31 13.68 21.39
N ALA A 363 8.26 12.93 21.92
CA ALA A 363 8.34 12.65 23.36
C ALA A 363 9.09 13.71 24.16
N GLN A 364 9.96 14.50 23.54
CA GLN A 364 10.72 15.54 24.24
C GLN A 364 10.34 16.89 23.65
N SER A 365 10.05 17.87 24.51
CA SER A 365 9.67 19.19 24.02
C SER A 365 10.79 19.84 23.22
N GLU A 366 12.04 19.45 23.47
CA GLU A 366 13.17 19.90 22.67
C GLU A 366 13.02 19.57 21.18
N THR A 367 12.00 18.80 20.79
CA THR A 367 11.93 18.26 19.42
C THR A 367 10.52 18.10 18.88
N ASN A 368 9.50 18.10 19.74
CA ASN A 368 8.12 17.79 19.30
C ASN A 368 7.56 18.85 18.35
N ILE A 400 -26.67 4.55 -1.52
CA ILE A 400 -25.36 5.16 -1.80
C ILE A 400 -24.90 4.75 -3.20
N VAL A 401 -24.51 5.74 -4.01
CA VAL A 401 -23.97 5.51 -5.35
C VAL A 401 -22.68 6.30 -5.50
N TRP A 402 -21.86 5.87 -6.46
CA TRP A 402 -20.55 6.47 -6.70
C TRP A 402 -20.06 6.00 -8.05
N PRO A 403 -19.22 6.77 -8.74
CA PRO A 403 -18.85 6.42 -10.12
C PRO A 403 -18.08 5.11 -10.20
N GLU A 404 -18.38 4.34 -11.26
CA GLU A 404 -17.70 3.08 -11.49
C GLU A 404 -16.21 3.32 -11.72
N PRO A 405 -15.33 2.51 -11.11
CA PRO A 405 -13.88 2.69 -11.31
C PRO A 405 -13.48 2.49 -12.77
N LEU A 406 -12.57 3.35 -13.25
CA LEU A 406 -12.05 3.25 -14.61
C LEU A 406 -11.24 1.97 -14.79
N LYS A 407 -10.94 1.65 -16.05
CA LYS A 407 -10.21 0.43 -16.38
C LYS A 407 -8.72 0.58 -16.09
N ARG A 408 -8.06 -0.56 -15.77
CA ARG A 408 -6.63 -0.59 -15.44
C ARG A 408 -5.94 -1.65 -16.32
N MET A 409 -5.70 -1.29 -17.59
CA MET A 409 -5.03 -2.20 -18.52
C MET A 409 -3.53 -2.09 -18.34
N PRO A 410 -2.81 -3.19 -18.07
CA PRO A 410 -1.35 -3.12 -17.99
C PRO A 410 -0.74 -2.77 -19.35
N ALA A 411 0.37 -2.03 -19.31
CA ALA A 411 1.05 -1.64 -20.54
C ALA A 411 1.65 -2.86 -21.23
N SER A 412 1.60 -2.85 -22.58
CA SER A 412 2.12 -3.98 -23.37
C SER A 412 3.60 -4.19 -23.13
N VAL A 413 4.39 -3.13 -23.28
CA VAL A 413 5.71 -3.04 -22.67
C VAL A 413 5.64 -1.95 -21.59
N ARG A 414 5.86 -2.34 -20.34
CA ARG A 414 5.72 -1.43 -19.21
C ARG A 414 6.74 -0.29 -19.28
N THR A 415 8.01 -0.63 -19.51
CA THR A 415 9.11 0.31 -19.38
C THR A 415 9.96 0.30 -20.63
N VAL A 416 10.28 1.50 -21.14
CA VAL A 416 11.24 1.64 -22.23
C VAL A 416 12.49 2.30 -21.66
N VAL A 417 13.66 1.88 -22.16
CA VAL A 417 14.94 2.32 -21.62
C VAL A 417 15.81 2.84 -22.76
N VAL A 418 16.58 3.89 -22.48
CA VAL A 418 17.47 4.50 -23.46
C VAL A 418 18.84 4.65 -22.81
N PRO A 419 19.68 3.61 -22.81
CA PRO A 419 21.05 3.74 -22.28
C PRO A 419 21.92 4.56 -23.21
N PRO A 420 23.16 4.86 -22.83
CA PRO A 420 24.08 5.53 -23.78
C PRO A 420 24.25 4.70 -25.04
N PRO A 421 24.62 5.31 -26.16
CA PRO A 421 24.61 4.58 -27.43
C PRO A 421 25.47 3.33 -27.39
N GLY A 422 24.92 2.22 -27.88
CA GLY A 422 25.65 0.97 -27.95
C GLY A 422 25.95 0.30 -26.63
N VAL A 423 25.04 0.36 -25.66
CA VAL A 423 25.20 -0.32 -24.38
C VAL A 423 23.97 -1.20 -24.19
N GLU A 424 24.02 -2.42 -24.71
CA GLU A 424 22.94 -3.37 -24.46
C GLU A 424 23.08 -3.96 -23.06
N LEU A 425 21.94 -4.25 -22.43
CA LEU A 425 21.95 -4.81 -21.10
C LEU A 425 20.79 -5.79 -20.93
N THR A 426 20.97 -6.73 -20.01
CA THR A 426 19.92 -7.69 -19.70
C THR A 426 18.74 -6.95 -19.09
N LEU A 427 17.61 -6.91 -19.81
CA LEU A 427 16.42 -6.25 -19.30
C LEU A 427 15.34 -7.24 -18.94
N PRO A 428 14.51 -6.94 -17.93
CA PRO A 428 13.34 -7.79 -17.62
C PRO A 428 12.47 -8.04 -18.83
N LYS A 429 11.71 -9.14 -18.81
CA LYS A 429 10.93 -9.55 -19.98
C LYS A 429 9.92 -8.50 -20.43
N ASN A 430 9.64 -7.49 -19.61
CA ASN A 430 8.65 -6.46 -19.95
C ASN A 430 9.25 -5.07 -20.12
N CYS A 431 10.56 -4.99 -20.36
CA CYS A 431 11.23 -3.77 -20.78
C CYS A 431 11.65 -3.87 -22.25
N GLN A 432 12.26 -2.79 -22.74
CA GLN A 432 12.55 -2.64 -24.16
C GLN A 432 13.38 -1.39 -24.35
N HIS A 433 14.26 -1.42 -25.36
CA HIS A 433 14.99 -0.23 -25.74
C HIS A 433 14.08 0.69 -26.58
N SER A 434 14.57 1.90 -26.85
CA SER A 434 13.81 2.85 -27.66
C SER A 434 13.82 2.47 -29.15
N ILE A 437 13.63 6.76 -33.14
CA ILE A 437 13.45 8.19 -33.39
C ILE A 437 12.77 8.44 -34.74
N SER A 438 11.46 8.70 -34.70
CA SER A 438 10.67 8.87 -35.90
C SER A 438 11.14 10.10 -36.69
N GLU A 439 10.60 10.22 -37.90
CA GLU A 439 10.83 11.44 -38.69
C GLU A 439 10.07 12.61 -38.09
N SER A 440 8.84 12.37 -37.63
CA SER A 440 8.06 13.41 -36.97
C SER A 440 8.80 13.96 -35.76
N THR A 441 9.47 13.08 -35.00
CA THR A 441 10.15 13.51 -33.80
C THR A 441 11.36 14.37 -34.11
N ALA A 442 12.19 13.93 -35.07
CA ALA A 442 13.39 14.68 -35.43
C ALA A 442 13.04 16.08 -35.94
N LYS A 443 11.88 16.23 -36.59
CA LYS A 443 11.42 17.57 -36.97
C LYS A 443 11.13 18.42 -35.74
N GLU A 444 10.48 17.84 -34.73
CA GLU A 444 10.21 18.58 -33.50
C GLU A 444 11.49 18.99 -32.80
N VAL A 445 12.45 18.07 -32.69
CA VAL A 445 13.72 18.40 -32.05
C VAL A 445 14.38 19.56 -32.77
N GLN A 446 14.38 19.52 -34.10
CA GLN A 446 14.97 20.61 -34.89
C GLN A 446 14.24 21.93 -34.63
N ARG A 447 12.91 21.89 -34.70
CA ARG A 447 12.09 23.06 -34.35
C ARG A 447 12.50 23.64 -32.99
N ILE A 448 12.53 22.79 -31.96
CA ILE A 448 12.82 23.26 -30.60
C ILE A 448 14.20 23.89 -30.51
N ARG A 449 15.20 23.29 -31.17
CA ARG A 449 16.55 23.84 -31.06
C ARG A 449 16.68 25.17 -31.78
N ASP A 450 15.99 25.30 -32.91
CA ASP A 450 16.03 26.57 -33.66
C ASP A 450 15.52 27.71 -32.79
N LYS A 451 14.43 27.50 -32.06
CA LYS A 451 13.80 28.57 -31.28
C LYS A 451 14.48 28.79 -29.94
N HIS A 452 14.76 27.70 -29.20
CA HIS A 452 15.18 27.85 -27.81
C HIS A 452 16.65 27.54 -27.55
N PHE A 453 17.36 26.93 -28.50
CA PHE A 453 18.79 26.68 -28.30
C PHE A 453 19.58 26.91 -29.58
N ASP A 455 23.97 29.04 -29.38
CA ASP A 455 23.25 27.89 -29.91
C ASP A 455 23.96 26.58 -29.56
N LEU A 456 23.24 25.46 -29.71
CA LEU A 456 23.76 24.14 -29.35
C LEU A 456 23.81 23.25 -30.58
N THR A 457 24.83 22.40 -30.65
CA THR A 457 24.99 21.51 -31.79
C THR A 457 25.64 20.18 -31.43
N ASP A 458 26.05 19.96 -30.17
CA ASP A 458 26.42 18.64 -29.68
C ASP A 458 25.34 17.62 -30.06
N GLN A 459 25.52 16.95 -31.20
CA GLN A 459 24.46 16.12 -31.78
C GLN A 459 24.16 14.88 -30.96
N ASN A 460 24.84 14.71 -29.83
CA ASN A 460 24.50 13.62 -28.93
C ASN A 460 23.36 14.02 -28.00
N ILE A 461 23.54 15.11 -27.26
CA ILE A 461 22.45 15.62 -26.44
C ILE A 461 21.29 16.12 -27.30
N LEU A 462 21.45 16.14 -28.62
CA LEU A 462 20.31 16.28 -29.51
C LEU A 462 19.59 14.95 -29.72
N ARG A 463 20.34 13.85 -29.76
CA ARG A 463 19.72 12.52 -29.72
C ARG A 463 18.97 12.31 -28.41
N SER A 464 19.55 12.79 -27.30
CA SER A 464 18.85 12.77 -26.02
C SER A 464 17.45 13.36 -26.13
N LEU A 465 17.32 14.48 -26.86
CA LEU A 465 16.04 15.17 -26.96
C LEU A 465 15.05 14.39 -27.81
N GLY A 466 15.52 13.76 -28.88
CA GLY A 466 14.64 12.86 -29.62
C GLY A 466 14.24 11.67 -28.78
N ASN A 467 15.15 11.18 -27.95
CA ASN A 467 14.83 10.10 -27.03
C ASN A 467 13.74 10.52 -26.05
N ILE A 468 14.00 11.59 -25.28
CA ILE A 468 13.03 12.09 -24.32
C ILE A 468 11.66 12.25 -24.97
N ILE A 469 11.62 12.88 -26.15
CA ILE A 469 10.35 13.16 -26.80
C ILE A 469 9.70 11.88 -27.30
N SER A 470 10.49 10.99 -27.92
CA SER A 470 9.95 9.70 -28.33
C SER A 470 9.42 8.91 -27.14
N VAL A 471 10.19 8.88 -26.05
CA VAL A 471 9.77 8.14 -24.86
C VAL A 471 8.52 8.75 -24.26
N LEU A 472 8.48 10.09 -24.14
CA LEU A 472 7.31 10.75 -23.57
C LEU A 472 6.06 10.52 -24.39
N ASP A 473 6.18 10.59 -25.72
CA ASP A 473 5.00 10.43 -26.55
C ASP A 473 4.44 9.02 -26.47
N ARG A 474 5.30 8.01 -26.29
CA ARG A 474 4.79 6.66 -26.07
C ARG A 474 4.09 6.55 -24.71
N MET A 475 4.66 7.17 -23.67
CA MET A 475 4.06 7.08 -22.34
C MET A 475 2.66 7.65 -22.32
N MET A 476 2.44 8.76 -23.00
CA MET A 476 1.19 9.49 -22.90
C MET A 476 0.18 9.13 -23.99
N ARG A 477 0.60 9.13 -25.25
CA ARG A 477 -0.33 8.80 -26.32
C ARG A 477 -0.74 7.33 -26.27
N SER A 478 0.07 6.46 -25.70
CA SER A 478 -0.13 5.02 -25.76
C SER A 478 -0.45 4.44 -24.38
N ASP A 479 -1.42 3.53 -24.35
CA ASP A 479 -1.61 2.66 -23.21
C ASP A 479 -0.67 1.46 -23.25
N GLU A 480 0.21 1.38 -24.24
CA GLU A 480 1.09 0.23 -24.40
C GLU A 480 2.46 0.43 -23.77
N VAL A 481 2.85 1.67 -23.47
CA VAL A 481 4.01 1.95 -22.62
C VAL A 481 3.55 2.77 -21.41
N CYS A 482 3.98 2.35 -20.22
CA CYS A 482 3.58 2.99 -18.98
C CYS A 482 4.59 4.05 -18.53
N ASN A 483 5.88 3.72 -18.53
CA ASN A 483 6.91 4.66 -18.09
C ASN A 483 8.20 4.39 -18.85
N GLY A 484 9.27 5.06 -18.45
CA GLY A 484 10.55 4.92 -19.12
C GLY A 484 11.66 5.63 -18.36
N CYS A 485 12.90 5.29 -18.73
CA CYS A 485 14.10 5.90 -18.17
C CYS A 485 15.07 6.23 -19.30
N VAL A 486 15.68 7.43 -19.23
CA VAL A 486 16.57 7.92 -20.28
C VAL A 486 17.85 8.43 -19.62
N VAL A 487 19.02 8.01 -20.13
CA VAL A 487 20.30 8.55 -19.70
C VAL A 487 20.62 9.77 -20.56
N VAL A 488 21.13 10.83 -19.94
CA VAL A 488 21.35 12.10 -20.62
C VAL A 488 22.70 12.67 -20.21
N SER A 489 23.20 13.59 -21.04
CA SER A 489 24.47 14.27 -20.80
C SER A 489 24.26 15.62 -20.11
N ASP A 490 23.46 16.49 -20.73
CA ASP A 490 23.30 17.87 -20.28
C ASP A 490 21.95 17.99 -19.59
N LEU A 491 21.97 18.45 -18.34
CA LEU A 491 20.74 18.42 -17.54
C LEU A 491 19.72 19.46 -18.00
N SER A 492 20.15 20.73 -18.16
CA SER A 492 19.19 21.83 -18.31
C SER A 492 18.30 21.65 -19.55
N VAL A 493 18.92 21.46 -20.72
CA VAL A 493 18.14 21.26 -21.94
C VAL A 493 17.27 20.01 -21.81
N SER A 494 17.79 18.97 -21.17
CA SER A 494 17.04 17.74 -20.93
C SER A 494 15.72 18.04 -20.20
N VAL A 495 15.84 18.67 -19.03
CA VAL A 495 14.67 18.96 -18.19
C VAL A 495 13.67 19.85 -18.95
N GLN A 496 14.17 20.91 -19.60
CA GLN A 496 13.29 21.84 -20.30
C GLN A 496 12.42 21.10 -21.32
N CYS A 497 13.04 20.30 -22.19
CA CYS A 497 12.26 19.64 -23.22
C CYS A 497 11.34 18.59 -22.64
N ALA A 498 11.82 17.85 -21.64
CA ALA A 498 10.94 16.90 -20.97
C ALA A 498 9.75 17.62 -20.36
N LEU A 499 10.04 18.61 -19.51
CA LEU A 499 8.98 19.36 -18.82
C LEU A 499 8.05 20.03 -19.82
N GLN A 500 8.62 20.80 -20.74
CA GLN A 500 7.79 21.56 -21.68
C GLN A 500 7.02 20.63 -22.61
N HIS A 501 7.64 19.54 -23.07
CA HIS A 501 6.89 18.65 -23.95
C HIS A 501 5.73 18.02 -23.19
N ALA A 502 5.90 17.77 -21.89
CA ALA A 502 4.84 17.18 -21.09
C ALA A 502 3.74 18.18 -20.78
N LEU A 503 4.11 19.41 -20.39
CA LEU A 503 3.12 20.43 -20.09
C LEU A 503 2.28 20.74 -21.31
N THR A 504 2.94 21.02 -22.43
CA THR A 504 2.28 21.41 -23.66
C THR A 504 1.87 20.17 -24.46
N GLU A 505 1.14 19.26 -23.82
CA GLU A 505 0.84 17.96 -24.41
C GLU A 505 -0.66 17.64 -24.48
N PRO A 506 -1.49 18.05 -23.50
CA PRO A 506 -1.19 18.61 -22.18
C PRO A 506 -1.47 17.65 -21.02
N ALA A 507 -0.46 17.51 -20.15
CA ALA A 507 -0.63 16.92 -18.83
C ALA A 507 -0.80 18.07 -17.83
N GLU A 508 -1.97 18.12 -17.19
CA GLU A 508 -2.31 19.27 -16.35
C GLU A 508 -1.21 19.58 -15.34
N ARG A 509 -0.72 18.58 -14.61
CA ARG A 509 0.23 18.78 -13.52
C ARG A 509 1.41 17.81 -13.68
N VAL A 510 2.60 18.30 -13.36
CA VAL A 510 3.81 17.50 -13.38
C VAL A 510 4.51 17.61 -12.03
N LEU A 511 4.80 16.47 -11.43
CA LEU A 511 5.61 16.41 -10.22
C LEU A 511 7.06 16.12 -10.62
N VAL A 512 7.97 16.97 -10.17
CA VAL A 512 9.38 16.83 -10.46
C VAL A 512 10.11 16.45 -9.19
N VAL A 513 10.86 15.36 -9.23
CA VAL A 513 11.63 14.88 -8.09
C VAL A 513 13.09 14.88 -8.51
N TYR A 514 13.87 15.78 -7.91
CA TYR A 514 15.24 16.07 -8.33
C TYR A 514 16.18 15.74 -7.20
N VAL A 515 17.09 14.81 -7.44
CA VAL A 515 18.18 14.52 -6.49
C VAL A 515 19.43 15.17 -7.05
N GLY A 516 19.87 16.25 -6.42
CA GLY A 516 21.02 17.00 -6.87
C GLY A 516 20.94 18.42 -6.35
N ASP A 517 21.98 19.17 -6.66
CA ASP A 517 22.08 20.55 -6.21
C ASP A 517 21.93 21.51 -7.39
N GLY A 518 21.80 22.78 -7.07
CA GLY A 518 21.67 23.79 -8.10
C GLY A 518 20.23 24.00 -8.52
N GLU A 519 20.07 24.95 -9.44
CA GLU A 519 18.75 25.32 -9.95
C GLU A 519 18.53 24.67 -11.31
N LEU A 520 17.33 24.18 -11.52
CA LEU A 520 16.95 23.64 -12.80
C LEU A 520 16.04 24.63 -13.53
N PRO A 521 15.90 24.49 -14.85
CA PRO A 521 14.92 25.32 -15.58
C PRO A 521 13.48 24.91 -15.31
N VAL A 522 13.07 24.97 -14.03
CA VAL A 522 11.73 24.61 -13.59
C VAL A 522 11.09 25.83 -12.96
N LYS A 523 9.84 26.12 -13.35
CA LYS A 523 9.07 27.24 -12.81
C LYS A 523 7.95 26.68 -11.94
N THR A 524 8.03 26.94 -10.63
CA THR A 524 6.93 26.61 -9.72
C THR A 524 5.91 27.75 -9.72
N ASN A 525 5.81 28.41 -10.88
CA ASN A 525 5.07 29.66 -11.01
C ASN A 525 3.58 29.49 -10.77
N ASP A 526 3.01 28.37 -11.17
CA ASP A 526 1.60 28.07 -10.95
C ASP A 526 1.48 26.66 -10.39
N GLY A 527 0.25 26.28 -10.10
CA GLY A 527 0.00 24.96 -9.56
C GLY A 527 -0.01 23.91 -10.65
N LYS A 528 0.86 24.04 -11.65
CA LYS A 528 1.07 22.97 -12.62
C LYS A 528 2.34 22.17 -12.35
N VAL A 529 3.27 22.70 -11.58
CA VAL A 529 4.49 21.99 -11.25
C VAL A 529 4.71 22.06 -9.75
N PHE A 530 4.91 20.89 -9.12
CA PHE A 530 5.47 20.82 -7.78
C PHE A 530 6.85 20.19 -7.87
N LEU A 531 7.83 20.79 -7.21
CA LEU A 531 9.22 20.34 -7.23
C LEU A 531 9.63 19.81 -5.86
N VAL A 532 9.93 18.53 -5.78
CA VAL A 532 10.68 17.98 -4.67
C VAL A 532 12.16 17.96 -5.05
N GLN A 533 13.00 18.53 -4.21
CA GLN A 533 14.44 18.50 -4.44
C GLN A 533 15.15 17.92 -3.22
N ILE A 534 15.97 16.90 -3.44
CA ILE A 534 16.82 16.30 -2.41
C ILE A 534 18.27 16.67 -2.72
N CYS A 535 18.89 17.42 -1.83
CA CYS A 535 20.15 18.09 -2.13
C CYS A 535 21.04 18.05 -0.89
N THR A 536 22.21 18.70 -1.00
CA THR A 536 23.24 18.65 0.03
C THR A 536 23.56 20.00 0.66
N LYS A 537 22.97 21.09 0.18
CA LYS A 537 23.15 22.42 0.75
C LYS A 537 21.81 22.97 1.22
N GLU A 538 21.78 23.49 2.45
CA GLU A 538 20.53 23.94 3.07
C GLU A 538 20.10 25.26 2.46
N THR A 539 19.13 25.21 1.55
CA THR A 539 18.65 26.39 0.84
C THR A 539 17.27 26.78 1.37
N GLU A 540 17.10 28.08 1.64
CA GLU A 540 15.82 28.56 2.13
C GLU A 540 14.71 28.26 1.13
N ASP A 541 13.52 27.95 1.64
CA ASP A 541 12.38 27.56 0.82
C ASP A 541 11.47 28.76 0.61
N LYS A 542 11.20 29.11 -0.65
CA LYS A 542 10.43 30.30 -0.95
C LYS A 542 8.94 30.10 -0.68
N CYS A 543 8.29 29.22 -1.44
CA CYS A 543 6.84 29.13 -1.48
C CYS A 543 6.39 27.67 -1.45
N VAL A 544 5.07 27.47 -1.42
CA VAL A 544 4.48 26.20 -1.04
C VAL A 544 4.37 25.24 -2.22
N ASN A 545 5.09 25.50 -3.31
CA ASN A 545 5.10 24.54 -4.41
C ASN A 545 6.47 23.94 -4.62
N ARG A 546 7.35 24.08 -3.64
CA ARG A 546 8.67 23.48 -3.64
C ARG A 546 8.91 22.88 -2.26
N LEU A 547 9.50 21.70 -2.24
CA LEU A 547 9.89 21.03 -1.00
C LEU A 547 11.36 20.66 -1.16
N THR A 548 12.22 21.30 -0.38
CA THR A 548 13.66 21.10 -0.47
C THR A 548 14.13 20.38 0.79
N LEU A 549 14.70 19.19 0.60
CA LEU A 549 15.16 18.33 1.68
C LEU A 549 16.68 18.26 1.60
N CYS A 550 17.35 18.87 2.56
CA CYS A 550 18.79 18.75 2.68
C CYS A 550 19.09 17.92 3.92
N LEU A 551 19.49 16.68 3.71
CA LEU A 551 19.80 15.78 4.80
C LEU A 551 21.30 15.69 5.00
N ARG A 552 21.73 15.65 6.27
CA ARG A 552 23.14 15.51 6.60
C ARG A 552 23.65 14.14 6.16
N GLU A 553 24.76 14.14 5.42
CA GLU A 553 25.30 12.90 4.85
C GLU A 553 26.02 12.09 5.94
N GLY A 554 25.75 10.79 5.96
CA GLY A 554 26.30 9.93 6.99
C GLY A 554 25.59 8.60 7.01
N GLU A 555 25.78 7.86 8.10
CA GLU A 555 25.14 6.55 8.24
C GLU A 555 23.63 6.65 8.44
N SER A 556 23.12 7.81 8.84
CA SER A 556 21.69 7.99 9.08
C SER A 556 20.93 8.50 7.86
N LEU A 557 21.62 8.75 6.75
CA LEU A 557 20.96 9.33 5.59
C LEU A 557 19.82 8.45 5.07
N THR A 558 19.88 7.15 5.32
CA THR A 558 18.88 6.26 4.73
C THR A 558 17.56 6.33 5.47
N ALA A 559 17.58 6.28 6.80
CA ALA A 559 16.34 6.40 7.57
C ALA A 559 15.71 7.77 7.40
N GLY A 560 16.53 8.82 7.37
CA GLY A 560 16.00 10.16 7.14
C GLY A 560 15.24 10.24 5.83
N PHE A 561 15.85 9.75 4.75
CA PHE A 561 15.18 9.77 3.46
C PHE A 561 13.83 9.05 3.54
N MET A 562 13.77 7.91 4.22
CA MET A 562 12.51 7.17 4.31
C MET A 562 11.47 7.94 5.12
N GLN A 563 11.89 8.59 6.21
CA GLN A 563 10.97 9.42 6.97
C GLN A 563 10.38 10.53 6.09
N ALA A 564 11.23 11.19 5.29
CA ALA A 564 10.76 12.24 4.41
C ALA A 564 9.83 11.68 3.33
N LEU A 565 10.20 10.55 2.75
CA LEU A 565 9.39 9.96 1.69
C LEU A 565 7.97 9.68 2.18
N LEU A 566 7.85 9.01 3.32
CA LEU A 566 6.54 8.61 3.81
C LEU A 566 5.79 9.77 4.45
N GLY A 567 6.49 10.67 5.13
CA GLY A 567 5.84 11.71 5.90
C GLY A 567 5.67 13.04 5.18
N LEU A 568 6.51 13.35 4.18
CA LEU A 568 6.44 14.59 3.43
C LEU A 568 6.15 14.38 1.95
N ILE A 569 6.99 13.63 1.24
CA ILE A 569 6.90 13.59 -0.23
C ILE A 569 5.60 12.95 -0.68
N LEU A 570 5.27 11.80 -0.10
CA LEU A 570 4.10 11.07 -0.57
C LEU A 570 2.79 11.79 -0.25
N PRO A 571 2.62 12.35 0.96
CA PRO A 571 1.40 13.15 1.21
C PRO A 571 1.23 14.29 0.23
N VAL A 572 2.26 15.08 -0.03
CA VAL A 572 2.10 16.18 -0.99
C VAL A 572 1.79 15.63 -2.37
N ALA A 573 2.56 14.63 -2.82
CA ALA A 573 2.41 14.14 -4.18
C ALA A 573 1.01 13.60 -4.40
N TYR A 574 0.48 12.86 -3.42
CA TYR A 574 -0.87 12.34 -3.53
C TYR A 574 -1.90 13.46 -3.59
N GLU A 575 -1.70 14.52 -2.80
CA GLU A 575 -2.65 15.63 -2.89
C GLU A 575 -2.50 16.39 -4.21
N PHE A 576 -1.26 16.65 -4.62
CA PHE A 576 -0.98 17.31 -5.90
C PHE A 576 -1.66 16.57 -7.06
N ASN A 577 -1.61 15.26 -7.05
CA ASN A 577 -2.21 14.40 -8.07
C ASN A 577 -1.67 14.74 -9.46
N PRO A 578 -0.39 14.51 -9.74
CA PRO A 578 0.16 14.87 -11.05
C PRO A 578 -0.33 13.92 -12.13
N ALA A 579 -0.20 14.38 -13.38
CA ALA A 579 -0.49 13.55 -14.53
C ALA A 579 0.78 12.86 -15.04
N LEU A 580 1.94 13.36 -14.65
CA LEU A 580 3.22 12.78 -14.97
C LEU A 580 4.19 13.08 -13.84
N VAL A 581 5.08 12.12 -13.57
CA VAL A 581 6.19 12.32 -12.63
C VAL A 581 7.49 12.38 -13.42
N LEU A 582 8.30 13.39 -13.15
CA LEU A 582 9.60 13.55 -13.78
C LEU A 582 10.68 13.40 -12.72
N GLY A 583 11.50 12.37 -12.83
CA GLY A 583 12.59 12.13 -11.90
C GLY A 583 13.92 12.47 -12.54
N ILE A 584 14.81 13.05 -11.75
CA ILE A 584 16.06 13.63 -12.26
C ILE A 584 17.15 13.39 -11.24
N VAL A 585 18.26 12.77 -11.69
CA VAL A 585 19.38 12.46 -10.82
C VAL A 585 20.63 13.03 -11.46
N GLU A 586 21.29 13.94 -10.77
CA GLU A 586 22.54 14.49 -11.29
C GLU A 586 23.70 13.58 -10.93
N GLU A 587 24.70 13.56 -11.81
CA GLU A 587 25.84 12.64 -11.71
C GLU A 587 26.70 13.00 -10.51
N THR A 588 26.59 12.22 -9.44
CA THR A 588 27.51 12.30 -8.31
C THR A 588 27.70 10.91 -7.72
N THR A 592 24.90 7.57 -5.76
CA THR A 592 25.99 7.13 -4.89
C THR A 592 25.51 6.98 -3.45
N ARG A 593 25.22 8.13 -2.82
CA ARG A 593 24.93 8.14 -1.39
C ARG A 593 23.58 7.52 -1.06
N LEU A 594 22.63 7.58 -1.99
CA LEU A 594 21.29 7.04 -1.79
C LEU A 594 20.96 5.96 -2.82
N MET A 595 21.97 5.24 -3.29
CA MET A 595 21.72 4.08 -4.13
C MET A 595 20.88 3.02 -3.42
N ARG A 596 20.68 3.13 -2.11
CA ARG A 596 19.90 2.14 -1.37
C ARG A 596 18.43 2.49 -1.28
N VAL A 597 18.04 3.76 -1.39
CA VAL A 597 16.63 4.11 -1.26
C VAL A 597 15.97 4.44 -2.59
N TRP A 598 16.74 4.53 -3.68
CA TRP A 598 16.16 5.00 -4.93
C TRP A 598 15.09 4.04 -5.46
N GLY A 599 15.26 2.73 -5.23
CA GLY A 599 14.27 1.78 -5.70
C GLY A 599 12.98 1.82 -4.91
N HIS A 600 13.04 2.19 -3.63
CA HIS A 600 11.82 2.32 -2.84
C HIS A 600 11.02 3.54 -3.29
N MET A 601 11.70 4.66 -3.49
CA MET A 601 11.04 5.85 -4.00
C MET A 601 10.43 5.58 -5.37
N THR A 602 11.20 4.98 -6.27
CA THR A 602 10.70 4.73 -7.62
C THR A 602 9.47 3.82 -7.61
N CYS A 603 9.43 2.84 -6.71
CA CYS A 603 8.27 1.98 -6.61
C CYS A 603 7.06 2.74 -6.04
N LEU A 604 7.27 3.47 -4.94
CA LEU A 604 6.14 4.12 -4.28
C LEU A 604 5.60 5.27 -5.11
N ILE A 605 6.48 6.04 -5.75
CA ILE A 605 6.05 7.20 -6.52
C ILE A 605 5.16 6.80 -7.70
N GLN A 606 5.18 5.52 -8.11
CA GLN A 606 4.28 5.05 -9.16
C GLN A 606 2.84 4.94 -8.71
N GLY A 607 2.53 5.20 -7.44
CA GLY A 607 1.15 5.40 -7.05
C GLY A 607 0.53 6.66 -7.64
N LEU A 608 1.35 7.59 -8.12
CA LEU A 608 0.85 8.80 -8.78
C LEU A 608 0.88 8.64 -10.29
N ALA A 609 0.01 9.41 -10.96
CA ALA A 609 0.02 9.57 -12.41
C ALA A 609 -0.14 8.23 -13.14
N ARG A 610 -0.89 7.29 -12.55
CA ARG A 610 -1.07 5.95 -13.10
C ARG A 610 0.26 5.29 -13.43
N GLY A 611 1.30 5.61 -12.66
CA GLY A 611 2.60 5.02 -12.88
C GLY A 611 3.42 5.68 -13.96
N ARG A 612 2.85 6.65 -14.67
CA ARG A 612 3.53 7.35 -15.76
C ARG A 612 4.67 8.21 -15.22
N MET A 613 5.89 7.66 -15.19
CA MET A 613 7.07 8.34 -14.69
C MET A 613 8.22 8.26 -15.70
N LEU A 614 8.83 9.41 -16.01
CA LEU A 614 10.04 9.48 -16.81
C LEU A 614 11.20 9.89 -15.93
N THR A 615 12.26 9.08 -15.92
CA THR A 615 13.44 9.34 -15.11
C THR A 615 14.61 9.68 -16.02
N LEU A 616 15.31 10.76 -15.69
CA LEU A 616 16.49 11.23 -16.40
C LEU A 616 17.68 10.99 -15.51
N LEU A 617 18.57 10.09 -15.92
CA LEU A 617 19.80 9.83 -15.18
C LEU A 617 20.93 10.55 -15.90
N GLN A 618 21.58 11.48 -15.20
CA GLN A 618 22.67 12.21 -15.80
C GLN A 618 23.94 11.36 -15.71
N GLY A 619 24.36 10.82 -16.84
CA GLY A 619 25.56 10.01 -16.95
C GLY A 619 25.29 8.53 -16.66
N TYR A 620 26.03 7.68 -17.35
CA TYR A 620 25.85 6.24 -17.20
C TYR A 620 26.34 5.76 -15.84
N ASP A 621 25.46 5.08 -15.12
CA ASP A 621 25.81 4.35 -13.89
C ASP A 621 25.04 3.04 -13.97
N LYS A 622 25.76 1.94 -14.23
CA LYS A 622 25.10 0.69 -14.59
C LYS A 622 24.21 0.18 -13.46
N ASP A 623 24.64 0.38 -12.21
CA ASP A 623 23.84 -0.10 -11.08
C ASP A 623 22.60 0.76 -10.90
N LEU A 624 22.77 2.08 -10.89
CA LEU A 624 21.60 2.96 -10.75
C LEU A 624 20.65 2.79 -11.91
N LEU A 625 21.19 2.64 -13.13
CA LEU A 625 20.32 2.41 -14.29
C LEU A 625 19.56 1.09 -14.15
N GLU A 626 20.25 0.01 -13.77
CA GLU A 626 19.59 -1.28 -13.66
C GLU A 626 18.59 -1.28 -12.50
N LEU A 627 18.94 -0.63 -11.39
CA LEU A 627 18.02 -0.47 -10.28
C LEU A 627 16.76 0.28 -10.70
N THR A 628 16.93 1.39 -11.44
CA THR A 628 15.80 2.22 -11.86
C THR A 628 14.83 1.43 -12.73
N VAL A 629 15.36 0.78 -13.78
CA VAL A 629 14.54 0.00 -14.68
C VAL A 629 13.81 -1.12 -13.94
N SER A 630 14.47 -1.71 -12.95
CA SER A 630 13.84 -2.80 -12.22
C SER A 630 12.61 -2.32 -11.46
N ALA A 631 12.74 -1.22 -10.71
CA ALA A 631 11.60 -0.74 -9.96
C ALA A 631 10.53 -0.18 -10.90
N LEU A 632 10.93 0.51 -11.96
CA LEU A 632 9.95 0.99 -12.94
C LEU A 632 9.19 -0.16 -13.57
N SER A 633 9.85 -1.32 -13.76
CA SER A 633 9.26 -2.44 -14.47
C SER A 633 8.28 -3.24 -13.61
N GLY A 634 8.17 -2.93 -12.32
CA GLY A 634 7.29 -3.67 -11.44
C GLY A 634 7.95 -4.81 -10.68
N ALA A 635 9.28 -4.90 -10.69
CA ALA A 635 9.95 -5.98 -9.99
C ALA A 635 9.90 -5.74 -8.48
N SER A 636 10.25 -6.78 -7.73
CA SER A 636 10.27 -6.63 -6.29
C SER A 636 11.54 -5.87 -5.86
N ILE A 637 11.42 -5.12 -4.77
CA ILE A 637 12.49 -4.26 -4.29
C ILE A 637 13.12 -4.94 -3.07
N SER A 638 14.44 -5.01 -3.06
CA SER A 638 15.15 -5.64 -1.97
C SER A 638 14.85 -4.90 -0.65
N PRO A 639 14.69 -5.61 0.46
CA PRO A 639 14.40 -4.92 1.73
C PRO A 639 15.54 -3.99 2.13
N LEU A 640 15.17 -2.93 2.86
CA LEU A 640 16.18 -2.03 3.41
C LEU A 640 16.88 -2.62 4.63
N GLY A 641 16.24 -3.57 5.30
CA GLY A 641 16.65 -3.96 6.63
C GLY A 641 16.34 -2.84 7.61
N PRO A 642 16.44 -3.12 8.90
CA PRO A 642 16.43 -2.02 9.87
C PRO A 642 17.70 -1.20 9.75
N LEU A 643 17.55 0.14 9.74
CA LEU A 643 18.64 1.08 9.53
C LEU A 643 18.84 1.94 10.77
N ARG A 644 19.95 2.67 10.79
CA ARG A 644 20.28 3.56 11.90
C ARG A 644 19.29 4.73 11.95
N ALA A 645 18.65 4.92 13.11
CA ALA A 645 17.65 5.96 13.39
C ALA A 645 18.08 7.31 12.83
N PRO A 646 17.14 8.15 12.40
CA PRO A 646 17.53 9.38 11.71
C PRO A 646 18.05 10.44 12.67
N LYS A 647 18.96 11.25 12.16
CA LYS A 647 19.57 12.31 12.97
C LYS A 647 18.50 13.30 13.43
N PRO A 648 18.51 13.70 14.71
CA PRO A 648 17.49 14.67 15.16
C PRO A 648 17.48 15.95 14.35
N GLU A 649 18.65 16.41 13.92
CA GLU A 649 18.72 17.58 13.05
C GLU A 649 17.93 17.37 11.77
N ASP A 650 17.90 16.14 11.26
CA ASP A 650 17.11 15.85 10.05
C ASP A 650 15.62 15.88 10.35
N VAL A 651 15.20 15.31 11.47
CA VAL A 651 13.79 15.35 11.84
C VAL A 651 13.34 16.78 12.08
N GLU A 652 14.17 17.60 12.73
CA GLU A 652 13.88 19.01 12.90
C GLU A 652 13.64 19.68 11.55
N MET A 653 14.56 19.46 10.61
CA MET A 653 14.41 19.98 9.25
C MET A 653 13.09 19.52 8.63
N MET A 654 12.71 18.27 8.87
CA MET A 654 11.52 17.74 8.20
C MET A 654 10.25 18.30 8.81
N GLU A 655 10.23 18.51 10.13
CA GLU A 655 9.02 19.05 10.73
C GLU A 655 8.87 20.55 10.45
N LYS A 656 9.98 21.28 10.29
CA LYS A 656 9.89 22.65 9.79
C LYS A 656 9.28 22.68 8.39
N GLN A 657 9.60 21.68 7.55
CA GLN A 657 8.97 21.61 6.23
C GLN A 657 7.48 21.35 6.36
N ARG A 658 7.10 20.41 7.24
CA ARG A 658 5.67 20.15 7.44
C ARG A 658 4.95 21.40 7.91
N GLN A 659 5.53 22.11 8.89
CA GLN A 659 4.87 23.30 9.42
C GLN A 659 4.68 24.33 8.31
N ARG A 660 5.65 24.43 7.42
CA ARG A 660 5.63 25.40 6.33
C ARG A 660 4.64 25.03 5.23
N LEU A 661 4.29 23.75 5.08
CA LEU A 661 3.53 23.33 3.91
C LEU A 661 2.12 22.84 4.21
N GLN A 662 1.81 22.51 5.46
CA GLN A 662 0.59 21.77 5.73
C GLN A 662 -0.66 22.64 5.71
N GLU A 663 -0.54 23.97 5.75
CA GLU A 663 -1.72 24.81 5.52
C GLU A 663 -2.15 24.75 4.06
N ARG A 664 -1.19 24.71 3.13
CA ARG A 664 -1.53 24.50 1.73
C ARG A 664 -1.89 23.04 1.45
N TRP A 665 -1.07 22.11 1.94
CA TRP A 665 -1.21 20.69 1.61
C TRP A 665 -1.64 19.92 2.86
N GLY A 666 -2.95 19.84 3.08
CA GLY A 666 -3.48 19.33 4.34
C GLY A 666 -3.29 17.85 4.58
N LEU A 667 -3.03 17.06 3.53
CA LEU A 667 -2.69 15.65 3.75
C LEU A 667 -1.37 15.49 4.47
N LEU A 668 -0.61 16.57 4.66
CA LEU A 668 0.60 16.55 5.47
C LEU A 668 0.32 16.58 6.97
N ARG A 669 -0.92 16.89 7.38
CA ARG A 669 -1.22 17.08 8.79
C ARG A 669 -1.25 15.74 9.53
N CYS A 670 -0.66 15.73 10.72
CA CYS A 670 -0.81 14.61 11.62
C CYS A 670 -1.09 15.09 13.06
N THR A 671 -1.60 16.31 13.21
CA THR A 671 -2.11 16.83 14.47
C THR A 671 -3.38 17.59 14.15
N VAL A 672 -4.23 17.80 15.16
CA VAL A 672 -5.34 18.70 14.94
C VAL A 672 -4.82 20.13 14.92
N SER A 673 -5.39 20.97 14.04
CA SER A 673 -4.98 22.36 13.92
C SER A 673 -5.53 23.19 15.07
N GLU A 674 -4.81 24.27 15.39
CA GLU A 674 -5.31 25.20 16.39
C GLU A 674 -6.46 26.01 15.81
N SER A 675 -7.59 26.02 16.50
CA SER A 675 -8.67 26.92 16.13
C SER A 675 -8.37 28.33 16.66
N TRP A 676 -8.96 29.33 16.02
CA TRP A 676 -8.80 30.72 16.45
C TRP A 676 -9.51 30.97 17.77
C10 LSL B . -25.21 -8.74 16.08
C13 LSL B . -23.78 -7.74 17.73
C15 LSL B . -19.99 -7.53 10.86
C01 LSL B . -17.53 -8.07 10.45
C02 LSL B . -18.81 -8.09 11.33
C03 LSL B . -18.79 -8.56 12.64
C04 LSL B . -19.92 -8.50 13.43
C05 LSL B . -21.11 -7.97 12.94
C06 LSL B . -22.39 -7.94 13.81
C08 LSL B . -23.84 -6.64 15.22
C09 LSL B . -24.27 -7.66 16.28
C12 LSL B . -24.40 -8.84 18.44
C14 LSL B . -21.15 -7.48 11.64
N07 LSL B . -22.46 -6.81 14.73
N17 LSL B . -16.21 -8.18 11.08
O16 LSL B . -17.57 -7.88 9.28
O18 LSL B . -14.97 -8.13 10.38
S11 LSL B . -25.42 -9.62 17.44
C1 EDO C . -22.74 3.73 3.44
O1 EDO C . -22.99 2.68 4.36
C2 EDO C . -21.26 4.02 3.50
O2 EDO C . -20.90 5.06 2.59
K K D . -9.55 -3.56 11.25
K K E . 2.42 -8.36 18.68
ZN ZN F . -15.67 -6.27 9.40
P PO4 G . -11.11 7.66 22.31
O1 PO4 G . -10.66 9.07 22.04
O2 PO4 G . -12.60 7.50 22.47
O3 PO4 G . -10.63 6.86 21.10
O4 PO4 G . -10.48 7.13 23.57
P PO4 H . -14.14 13.32 18.11
O1 PO4 H . -14.42 14.40 17.08
O2 PO4 H . -15.43 12.76 18.66
O3 PO4 H . -13.32 12.21 17.45
O4 PO4 H . -13.32 13.91 19.23
P PO4 I . -10.48 -3.78 -15.96
O1 PO4 I . -11.70 -3.73 -16.86
O2 PO4 I . -9.27 -3.17 -16.65
O3 PO4 I . -10.15 -5.23 -15.64
O4 PO4 I . -10.75 -2.99 -14.70
#